data_3A3E
#
_entry.id   3A3E
#
_cell.length_a   64.898
_cell.length_b   92.823
_cell.length_c   104.173
_cell.angle_alpha   90.00
_cell.angle_beta   107.79
_cell.angle_gamma   90.00
#
_symmetry.space_group_name_H-M   'P 1 21 1'
#
loop_
_entity.id
_entity.type
_entity.pdbx_description
1 polymer 'Penicillin-binding protein 4'
2 non-polymer '(2R,4S)-2-[(1R)-1-({(2R)-2-[(4-ethyl-2,3-dioxopiperazin-1-yl)amino]-2-phenylacetyl}amino)-2-oxoethyl]-5,5-dimethyl-1,3-thiazolidine-4-carboxylic acid'
3 water water
#
_entity_poly.entity_id   1
_entity_poly.type   'polypeptide(L)'
_entity_poly.pdbx_seq_one_letter_code
;MINVSDLTQKLPEGSNAGVIAKNINQNQIIADYNGSTFMLPASTQKVFTAVAAKLALGDQFQFETALLSNGKIQNGNLDG
NLIVSFTGDPDLTRGQLYSLLAELKKQGIKKINGDLVLDTSVFSSHDRGLGWIWNDLTMCFNSPPAAANIDNNCFYAELD
ANKNPGEIVKINVPAQFPIQVFGQVYVADSNEAPYCQLDVVVHDNNRYQVKGCLARQYKPFGLSFAVQNTDAYAAAIIQR
QLRKLGIEFNGKVLLPQKPQQGQLLAKHLSKPLPDLLKKMMKKSDNQIADSLFRAVAFNYYKRPASFQLGTLAVKSILQK
QGIRFGNSILADGSGLSRHNLVAPKTMLSVLEYIAKNEDKLHLMETFPIAGVDGTISGRGGLISPPLVKNVIAKTGSLKG
VYNLAGFMTNARGEKVAFVQFINGYSTGDLESKTKRAPLVQFERNLYNELYKY
;
_entity_poly.pdbx_strand_id   A,B
#
loop_
_chem_comp.id
_chem_comp.type
_chem_comp.name
_chem_comp.formula
CMV non-polymer '(2R,4S)-2-[(1R)-1-({(2R)-2-[(4-ethyl-2,3-dioxopiperazin-1-yl)amino]-2-phenylacetyl}amino)-2-oxoethyl]-5,5-dimethyl-1,3-thiazolidine-4-carboxylic acid' 'C22 H29 N5 O6 S'
#
# COMPACT_ATOMS: atom_id res chain seq x y z
N MET A 1 -32.01 1.25 22.51
CA MET A 1 -30.55 1.30 22.56
C MET A 1 -30.25 2.68 22.12
N ILE A 2 -29.02 3.09 22.24
CA ILE A 2 -28.68 4.40 21.74
C ILE A 2 -28.95 4.47 20.25
N ASN A 3 -29.51 5.59 19.82
CA ASN A 3 -29.78 5.72 18.43
C ASN A 3 -28.52 6.27 17.77
N VAL A 4 -27.59 5.41 17.49
CA VAL A 4 -26.30 5.88 16.97
C VAL A 4 -26.44 6.48 15.62
N SER A 5 -27.41 5.97 14.92
CA SER A 5 -27.66 6.44 13.60
C SER A 5 -27.94 7.92 13.56
N ASP A 6 -28.59 8.48 14.59
CA ASP A 6 -28.75 9.94 14.58
C ASP A 6 -27.44 10.65 14.89
N LEU A 7 -26.64 10.10 15.79
CA LEU A 7 -25.41 10.80 16.07
C LEU A 7 -24.59 10.83 14.78
N THR A 8 -24.61 9.73 13.99
CA THR A 8 -23.79 9.81 12.71
C THR A 8 -24.10 11.00 11.79
N GLN A 9 -25.31 11.56 11.77
CA GLN A 9 -25.54 12.84 11.00
C GLN A 9 -24.53 13.97 11.21
N LYS A 10 -23.82 13.92 12.30
CA LYS A 10 -22.76 14.88 12.59
C LYS A 10 -21.47 14.55 11.87
N LEU A 11 -21.29 13.30 11.43
CA LEU A 11 -20.01 13.01 10.75
C LEU A 11 -20.09 13.59 9.32
N PRO A 12 -18.94 13.84 8.69
CA PRO A 12 -18.94 14.17 7.25
C PRO A 12 -19.78 13.20 6.46
N GLU A 13 -20.46 13.75 5.50
CA GLU A 13 -21.14 12.98 4.53
C GLU A 13 -20.14 12.03 3.84
N GLY A 14 -20.51 10.74 3.80
CA GLY A 14 -19.77 9.62 3.23
C GLY A 14 -19.31 8.55 4.22
N SER A 15 -19.30 8.85 5.52
CA SER A 15 -18.40 8.13 6.33
C SER A 15 -19.17 6.99 6.85
N ASN A 16 -18.46 6.05 7.40
CA ASN A 16 -19.21 4.96 7.95
C ASN A 16 -18.82 4.77 9.35
N ALA A 17 -19.77 4.43 10.20
CA ALA A 17 -19.42 4.12 11.60
C ALA A 17 -19.76 2.75 11.99
N GLY A 18 -18.92 2.15 12.81
CA GLY A 18 -19.36 0.93 13.46
C GLY A 18 -19.31 1.23 14.98
N VAL A 19 -20.40 1.08 15.70
CA VAL A 19 -20.29 1.32 17.12
C VAL A 19 -20.96 0.18 17.92
N ILE A 20 -20.32 -0.30 18.96
CA ILE A 20 -20.96 -1.27 19.81
C ILE A 20 -20.47 -1.05 21.23
N ALA A 21 -21.34 -1.30 22.21
CA ALA A 21 -21.02 -1.00 23.61
C ALA A 21 -21.76 -1.98 24.50
N LYS A 22 -21.03 -2.55 25.45
CA LYS A 22 -21.67 -3.37 26.41
C LYS A 22 -21.53 -2.73 27.79
N ASN A 23 -22.58 -2.87 28.61
CA ASN A 23 -22.50 -2.41 29.99
C ASN A 23 -22.15 -3.68 30.68
N ILE A 24 -20.94 -3.77 31.18
CA ILE A 24 -20.43 -5.05 31.63
C ILE A 24 -21.23 -5.41 32.84
N ASN A 25 -21.38 -4.47 33.76
CA ASN A 25 -22.15 -4.74 34.98
C ASN A 25 -23.48 -5.45 34.72
N GLN A 26 -24.27 -4.98 33.75
CA GLN A 26 -25.51 -5.65 33.43
C GLN A 26 -25.41 -6.77 32.39
N ASN A 27 -24.29 -6.89 31.65
CA ASN A 27 -24.27 -7.78 30.48
C ASN A 27 -25.28 -7.34 29.44
N GLN A 28 -25.42 -6.04 29.22
CA GLN A 28 -26.39 -5.53 28.23
C GLN A 28 -25.63 -4.78 27.16
N ILE A 29 -25.93 -5.11 25.88
CA ILE A 29 -25.39 -4.36 24.73
C ILE A 29 -26.25 -3.11 24.68
N ILE A 30 -25.70 -1.92 24.59
CA ILE A 30 -26.55 -0.73 24.70
C ILE A 30 -26.42 0.19 23.50
N ALA A 31 -25.51 -0.21 22.62
CA ALA A 31 -25.40 0.39 21.33
C ALA A 31 -24.89 -0.67 20.39
N ASP A 32 -25.55 -0.76 19.25
CA ASP A 32 -25.22 -1.72 18.25
C ASP A 32 -25.59 -1.19 16.87
N TYR A 33 -24.60 -0.58 16.23
CA TYR A 33 -24.74 0.04 14.97
C TYR A 33 -23.60 -0.45 14.06
N ASN A 34 -23.93 -1.12 12.96
CA ASN A 34 -22.96 -1.86 12.17
C ASN A 34 -22.02 -2.63 13.03
N GLY A 35 -22.55 -3.18 14.11
CA GLY A 35 -21.69 -3.97 15.01
C GLY A 35 -20.92 -5.10 14.34
N SER A 36 -21.30 -5.44 13.14
CA SER A 36 -20.85 -6.64 12.47
C SER A 36 -20.17 -6.35 11.16
N THR A 37 -20.16 -5.09 10.73
CA THR A 37 -19.46 -4.77 9.55
C THR A 37 -17.95 -4.76 9.78
N PHE A 38 -17.20 -5.51 8.99
CA PHE A 38 -15.73 -5.42 9.04
C PHE A 38 -15.29 -3.99 8.59
N MET A 39 -14.25 -3.42 9.18
CA MET A 39 -13.87 -2.06 8.84
C MET A 39 -12.43 -1.92 9.14
N LEU A 40 -11.86 -0.79 8.81
CA LEU A 40 -10.46 -0.67 9.15
C LEU A 40 -10.34 -0.23 10.64
N PRO A 41 -9.76 -1.09 11.49
CA PRO A 41 -9.44 -0.90 12.94
C PRO A 41 -8.30 0.08 13.26
N ALA A 42 -7.42 0.33 12.29
CA ALA A 42 -6.17 1.07 12.53
C ALA A 42 -5.45 0.66 13.81
N SER A 43 -4.79 1.58 14.52
CA SER A 43 -4.01 1.16 15.67
C SER A 43 -4.83 0.56 16.79
N THR A 44 -6.12 0.53 16.73
CA THR A 44 -6.77 -0.15 17.84
C THR A 44 -6.46 -1.62 17.86
N GLN A 45 -5.97 -2.14 16.74
CA GLN A 45 -5.63 -3.55 16.61
C GLN A 45 -4.52 -3.96 17.62
N LYS A 46 -3.71 -3.00 18.10
CA LYS A 46 -2.69 -3.40 19.12
C LYS A 46 -3.37 -3.96 20.38
N VAL A 47 -4.67 -3.81 20.44
CA VAL A 47 -5.35 -4.44 21.53
C VAL A 47 -5.22 -5.97 21.40
N PHE A 48 -5.43 -6.49 20.21
CA PHE A 48 -5.22 -7.95 20.03
C PHE A 48 -3.83 -8.36 20.40
N THR A 49 -2.87 -7.64 19.87
CA THR A 49 -1.46 -7.92 20.10
C THR A 49 -1.05 -7.88 21.58
N ALA A 50 -1.61 -6.94 22.31
CA ALA A 50 -1.27 -6.80 23.71
C ALA A 50 -1.67 -8.04 24.50
N VAL A 51 -2.87 -8.54 24.27
CA VAL A 51 -3.32 -9.75 24.97
C VAL A 51 -2.57 -11.01 24.56
N ALA A 52 -2.28 -11.13 23.27
CA ALA A 52 -1.57 -12.30 22.80
C ALA A 52 -0.20 -12.28 23.39
N ALA A 53 0.40 -11.10 23.48
CA ALA A 53 1.72 -10.99 24.13
C ALA A 53 1.74 -11.29 25.62
N LYS A 54 0.79 -10.75 26.38
CA LYS A 54 0.73 -11.09 27.81
C LYS A 54 0.74 -12.61 27.92
N LEU A 55 -0.12 -13.27 27.15
CA LEU A 55 -0.34 -14.70 27.30
C LEU A 55 0.78 -15.64 26.85
N ALA A 56 1.49 -15.30 25.77
CA ALA A 56 2.53 -16.18 25.20
C ALA A 56 3.94 -15.73 25.63
N LEU A 57 4.14 -14.42 25.76
CA LEU A 57 5.43 -13.93 26.10
C LEU A 57 5.56 -13.93 27.62
N GLY A 58 4.61 -13.27 28.28
CA GLY A 58 4.54 -13.23 29.73
C GLY A 58 5.34 -12.05 30.22
N ASP A 59 5.13 -11.70 31.48
CA ASP A 59 5.67 -10.47 32.03
C ASP A 59 7.18 -10.40 32.13
N GLN A 60 7.87 -11.51 31.96
CA GLN A 60 9.32 -11.53 32.16
C GLN A 60 10.02 -11.49 30.78
N PHE A 61 9.28 -11.18 29.71
CA PHE A 61 9.87 -11.18 28.43
C PHE A 61 10.72 -9.91 28.16
N GLN A 62 11.86 -10.15 27.54
CA GLN A 62 12.72 -9.09 27.18
C GLN A 62 13.28 -9.45 25.85
N PHE A 63 13.54 -8.46 25.03
CA PHE A 63 14.20 -8.79 23.82
C PHE A 63 15.67 -8.89 24.09
N GLU A 64 16.34 -9.84 23.40
CA GLU A 64 17.78 -9.96 23.51
C GLU A 64 18.55 -9.51 22.27
N THR A 65 19.56 -8.69 22.49
CA THR A 65 20.55 -8.43 21.54
C THR A 65 21.88 -8.87 22.11
N ALA A 66 22.64 -9.68 21.38
CA ALA A 66 23.74 -10.44 22.01
C ALA A 66 25.03 -10.55 21.18
N LEU A 67 26.22 -10.39 21.81
CA LEU A 67 27.52 -10.75 21.22
C LEU A 67 27.86 -12.26 21.47
N LEU A 68 28.26 -13.00 20.41
CA LEU A 68 28.78 -14.41 20.54
C LEU A 68 30.02 -14.68 19.67
N SER A 69 30.77 -15.68 20.05
CA SER A 69 31.92 -16.04 19.27
C SER A 69 32.17 -17.49 19.34
N ASN A 70 32.80 -17.97 18.27
CA ASN A 70 33.30 -19.33 18.19
C ASN A 70 34.78 -19.31 18.57
N GLY A 71 35.37 -18.12 18.49
CA GLY A 71 36.77 -17.96 18.81
C GLY A 71 37.03 -18.18 20.27
N LYS A 72 38.28 -17.88 20.65
CA LYS A 72 38.77 -17.97 22.01
C LYS A 72 39.41 -16.59 22.26
N ILE A 73 39.20 -16.07 23.45
CA ILE A 73 39.93 -14.90 23.85
C ILE A 73 41.29 -15.40 24.21
N GLN A 74 42.28 -15.00 23.42
CA GLN A 74 43.67 -15.21 23.77
C GLN A 74 44.42 -13.91 23.60
N ASN A 75 45.50 -13.78 24.36
CA ASN A 75 46.44 -12.68 24.19
C ASN A 75 45.95 -11.49 23.36
N GLY A 76 44.90 -10.82 23.82
CA GLY A 76 44.45 -9.54 23.24
C GLY A 76 43.45 -9.61 22.08
N ASN A 77 43.24 -10.82 21.58
CA ASN A 77 42.50 -11.02 20.38
C ASN A 77 41.37 -12.03 20.56
N LEU A 78 40.19 -11.72 20.02
CA LEU A 78 39.25 -12.78 19.73
C LEU A 78 39.69 -13.42 18.41
N ASP A 79 40.10 -14.68 18.54
CA ASP A 79 40.57 -15.47 17.41
C ASP A 79 39.36 -16.23 16.84
N GLY A 80 38.70 -15.58 15.89
CA GLY A 80 37.43 -16.10 15.38
C GLY A 80 36.49 -14.96 15.10
N ASN A 81 35.21 -15.29 14.85
CA ASN A 81 34.22 -14.26 14.46
C ASN A 81 33.43 -13.58 15.55
N LEU A 82 33.18 -12.28 15.38
CA LEU A 82 32.18 -11.58 16.16
C LEU A 82 30.81 -11.82 15.57
N ILE A 83 29.96 -12.51 16.33
CA ILE A 83 28.58 -12.64 15.98
C ILE A 83 27.71 -11.63 16.77
N VAL A 84 26.90 -10.85 16.07
CA VAL A 84 25.98 -9.97 16.75
C VAL A 84 24.56 -10.42 16.44
N SER A 85 23.86 -10.79 17.49
CA SER A 85 22.55 -11.32 17.38
C SER A 85 21.43 -10.24 17.68
N PHE A 86 20.49 -10.12 16.73
CA PHE A 86 19.38 -9.15 16.80
C PHE A 86 18.06 -9.95 16.75
N THR A 87 17.10 -9.60 17.62
CA THR A 87 15.88 -10.39 17.70
C THR A 87 14.63 -9.51 17.64
N GLY A 88 14.75 -8.30 17.09
CA GLY A 88 13.65 -7.36 16.97
C GLY A 88 13.46 -6.26 18.02
N ASP A 89 14.37 -6.15 18.97
CA ASP A 89 14.21 -5.11 20.02
C ASP A 89 13.90 -3.76 19.32
N PRO A 90 12.67 -3.20 19.46
CA PRO A 90 12.33 -1.92 18.76
C PRO A 90 12.80 -0.66 19.49
N ASP A 91 13.26 -0.80 20.71
CA ASP A 91 13.75 0.36 21.40
C ASP A 91 15.27 0.56 21.40
N LEU A 92 16.02 -0.42 20.95
CA LEU A 92 17.47 -0.33 20.95
C LEU A 92 18.09 0.95 20.38
N THR A 93 18.97 1.56 21.17
CA THR A 93 19.59 2.80 20.72
C THR A 93 21.06 2.57 20.36
N ARG A 94 21.62 3.51 19.62
CA ARG A 94 23.02 3.54 19.19
C ARG A 94 23.85 3.35 20.46
N GLY A 95 23.53 4.19 21.44
CA GLY A 95 24.10 4.15 22.75
C GLY A 95 24.08 2.86 23.48
N GLN A 96 22.97 2.12 23.44
CA GLN A 96 23.00 0.83 24.11
C GLN A 96 23.75 -0.20 23.22
N LEU A 97 23.85 0.03 21.93
CA LEU A 97 24.59 -0.95 21.12
C LEU A 97 26.04 -0.76 21.47
N TYR A 98 26.39 0.50 21.61
CA TYR A 98 27.72 0.91 22.03
C TYR A 98 28.22 0.25 23.32
N SER A 99 27.51 0.50 24.44
CA SER A 99 27.89 -0.16 25.69
C SER A 99 27.91 -1.61 25.50
N LEU A 100 26.94 -2.21 24.83
CA LEU A 100 27.04 -3.66 24.64
C LEU A 100 28.35 -4.03 23.98
N LEU A 101 28.84 -3.22 23.05
CA LEU A 101 30.02 -3.70 22.35
C LEU A 101 31.24 -3.48 23.25
N ALA A 102 31.16 -2.46 24.10
CA ALA A 102 32.29 -2.08 24.97
C ALA A 102 32.56 -3.21 25.98
N GLU A 103 31.56 -4.04 26.21
CA GLU A 103 31.80 -5.23 27.00
C GLU A 103 32.90 -6.09 26.42
N LEU A 104 33.29 -5.80 25.19
CA LEU A 104 34.27 -6.60 24.51
C LEU A 104 35.65 -6.21 25.05
N LYS A 105 35.98 -4.90 24.98
CA LYS A 105 37.15 -4.33 25.67
C LYS A 105 37.24 -4.96 27.04
N LYS A 106 36.35 -4.52 27.92
CA LYS A 106 36.28 -5.03 29.29
C LYS A 106 36.64 -6.47 29.37
N GLN A 107 36.41 -7.24 28.33
CA GLN A 107 36.68 -8.67 28.43
C GLN A 107 38.09 -9.07 27.94
N GLY A 108 38.89 -8.06 27.63
CA GLY A 108 40.24 -8.27 27.15
C GLY A 108 40.48 -8.04 25.65
N ILE A 109 39.41 -7.75 24.90
CA ILE A 109 39.53 -7.78 23.43
C ILE A 109 39.94 -6.44 22.82
N LYS A 110 41.11 -6.36 22.20
CA LYS A 110 41.44 -5.16 21.42
C LYS A 110 41.60 -5.39 19.92
N LYS A 111 41.38 -6.62 19.48
CA LYS A 111 41.31 -6.92 18.07
C LYS A 111 40.60 -8.25 17.86
N ILE A 112 39.87 -8.34 16.75
CA ILE A 112 39.12 -9.53 16.36
C ILE A 112 39.77 -10.06 15.07
N ASN A 113 40.03 -11.36 15.00
CA ASN A 113 40.65 -11.91 13.78
C ASN A 113 39.64 -12.20 12.67
N GLY A 114 38.56 -12.91 13.00
CA GLY A 114 37.52 -13.26 12.02
C GLY A 114 36.71 -12.12 11.39
N ASP A 115 35.53 -12.47 10.88
CA ASP A 115 34.63 -11.46 10.30
C ASP A 115 33.49 -11.12 11.26
N LEU A 116 32.74 -10.08 10.90
CA LEU A 116 31.57 -9.67 11.63
C LEU A 116 30.39 -10.42 11.02
N VAL A 117 29.70 -11.21 11.84
CA VAL A 117 28.54 -11.95 11.39
C VAL A 117 27.25 -11.48 12.09
N LEU A 118 26.21 -11.17 11.32
CA LEU A 118 24.93 -10.69 11.86
C LEU A 118 23.93 -11.83 11.80
N ASP A 119 23.23 -12.07 12.90
CA ASP A 119 22.26 -13.14 12.96
C ASP A 119 20.81 -12.68 13.12
N THR A 120 19.92 -13.35 12.34
CA THR A 120 18.44 -13.29 12.35
C THR A 120 17.54 -14.56 12.29
N SER A 121 16.23 -14.25 12.13
CA SER A 121 15.06 -14.88 12.83
C SER A 121 13.60 -14.16 12.83
N VAL A 122 13.49 -12.98 12.24
CA VAL A 122 12.14 -12.46 11.99
C VAL A 122 11.87 -12.73 10.49
N THR A 138 9.59 5.73 2.74
CA THR A 138 10.13 7.07 2.98
C THR A 138 10.10 7.37 4.48
N MET A 139 8.97 7.91 4.98
CA MET A 139 8.85 8.50 6.38
C MET A 139 8.65 7.59 7.61
N CYS A 140 8.81 8.20 8.78
CA CYS A 140 9.07 7.43 9.99
C CYS A 140 7.91 7.32 10.97
N PHE A 141 6.96 6.46 10.66
CA PHE A 141 5.87 6.03 11.58
C PHE A 141 5.67 4.53 11.35
N ASN A 142 5.61 4.18 10.06
CA ASN A 142 6.00 2.89 9.58
C ASN A 142 7.54 2.89 9.47
N SER A 143 8.12 1.73 9.69
CA SER A 143 9.56 1.68 9.70
C SER A 143 9.84 0.24 9.92
N PRO A 144 10.76 -0.32 9.14
CA PRO A 144 10.80 -1.78 9.15
C PRO A 144 10.87 -2.30 10.60
N PRO A 145 9.75 -2.74 11.15
CA PRO A 145 10.24 -3.24 12.45
C PRO A 145 11.06 -4.54 12.17
N ALA A 146 12.35 -4.40 11.97
CA ALA A 146 13.15 -5.49 11.40
C ALA A 146 13.87 -6.24 12.53
N ALA A 147 14.59 -7.34 12.29
CA ALA A 147 15.42 -7.86 13.38
C ALA A 147 16.43 -6.83 13.96
N ALA A 148 17.16 -6.11 13.11
CA ALA A 148 18.10 -5.12 13.58
C ALA A 148 17.49 -3.73 13.55
N ASN A 149 17.08 -3.22 14.70
CA ASN A 149 16.61 -1.85 14.86
C ASN A 149 17.60 -1.07 15.63
N ILE A 150 18.02 0.03 15.05
CA ILE A 150 18.77 1.00 15.77
C ILE A 150 18.15 2.39 15.63
N ASP A 151 17.96 3.10 16.76
CA ASP A 151 17.25 4.43 16.79
C ASP A 151 16.01 4.44 15.91
N ASN A 152 15.18 3.42 16.08
CA ASN A 152 13.95 3.21 15.32
C ASN A 152 14.10 3.05 13.84
N ASN A 153 15.34 2.84 13.38
CA ASN A 153 15.59 2.63 11.93
C ASN A 153 15.17 3.85 11.17
N CYS A 154 15.74 4.96 11.56
CA CYS A 154 15.11 6.21 11.25
C CYS A 154 16.17 7.25 11.38
N PHE A 155 16.29 8.10 10.38
CA PHE A 155 17.27 9.20 10.43
C PHE A 155 16.75 10.52 9.93
N TYR A 156 17.46 11.56 10.27
CA TYR A 156 16.97 12.88 10.02
C TYR A 156 17.87 13.61 9.01
N ALA A 157 17.32 14.07 7.88
CA ALA A 157 18.13 14.97 6.99
C ALA A 157 17.60 16.39 7.09
N GLU A 158 18.40 17.37 6.72
CA GLU A 158 17.89 18.75 6.76
C GLU A 158 18.06 19.46 5.45
N LEU A 159 16.95 19.95 4.96
CA LEU A 159 16.97 20.51 3.67
C LEU A 159 17.00 22.02 3.88
N ASP A 160 18.05 22.65 3.37
CA ASP A 160 18.07 24.09 3.25
C ASP A 160 17.58 24.53 1.91
N ALA A 161 16.36 24.98 1.92
CA ALA A 161 15.74 25.60 0.81
C ALA A 161 15.44 27.04 1.10
N ASN A 162 16.22 27.70 1.98
CA ASN A 162 16.06 29.16 2.18
C ASN A 162 16.91 29.93 1.20
N LYS A 163 16.45 29.92 -0.03
CA LYS A 163 17.35 30.30 -1.10
C LYS A 163 16.47 30.83 -2.18
N ASN A 164 17.05 31.46 -3.18
CA ASN A 164 16.26 32.12 -4.23
C ASN A 164 15.70 31.10 -5.20
N PRO A 165 14.46 31.32 -5.65
CA PRO A 165 14.00 30.55 -6.80
C PRO A 165 15.17 30.19 -7.75
N GLY A 166 15.28 28.98 -8.21
CA GLY A 166 16.36 28.71 -9.13
C GLY A 166 17.49 27.92 -8.52
N GLU A 167 17.81 28.17 -7.25
CA GLU A 167 18.95 27.55 -6.60
C GLU A 167 18.71 26.09 -6.15
N ILE A 168 19.81 25.41 -5.86
CA ILE A 168 19.75 23.99 -5.56
C ILE A 168 19.64 23.82 -4.06
N VAL A 169 18.78 22.94 -3.60
CA VAL A 169 18.66 22.82 -2.16
C VAL A 169 19.79 22.05 -1.50
N LYS A 170 20.40 22.65 -0.51
CA LYS A 170 21.40 21.97 0.27
C LYS A 170 20.75 20.91 1.13
N ILE A 171 21.32 19.70 1.05
CA ILE A 171 20.92 18.57 1.88
C ILE A 171 21.97 18.25 2.95
N ASN A 172 21.55 18.14 4.21
CA ASN A 172 22.53 17.97 5.27
C ASN A 172 22.32 16.65 6.04
N VAL A 173 23.19 15.69 5.80
CA VAL A 173 23.11 14.50 6.59
C VAL A 173 23.97 14.63 7.84
N PRO A 174 23.39 14.50 9.03
CA PRO A 174 24.28 14.38 10.18
C PRO A 174 25.26 13.21 10.05
N ALA A 175 26.46 13.32 10.63
CA ALA A 175 27.56 12.43 10.22
C ALA A 175 27.54 11.03 10.82
N GLN A 176 26.77 10.90 11.91
CA GLN A 176 26.60 9.63 12.65
C GLN A 176 25.69 8.58 11.91
N PHE A 177 25.02 9.05 10.85
CA PHE A 177 24.30 8.15 9.98
C PHE A 177 25.16 7.67 8.79
N PRO A 178 25.36 6.35 8.69
CA PRO A 178 26.00 5.74 7.51
C PRO A 178 25.04 5.58 6.31
N ILE A 179 24.53 6.68 5.77
CA ILE A 179 23.61 6.60 4.66
C ILE A 179 24.09 7.65 3.66
N GLN A 180 23.42 7.86 2.54
CA GLN A 180 23.82 8.94 1.64
C GLN A 180 22.57 9.50 1.09
N VAL A 181 22.29 10.74 1.35
CA VAL A 181 21.12 11.30 0.72
C VAL A 181 21.72 12.12 -0.36
N PHE A 182 21.16 12.09 -1.55
CA PHE A 182 21.67 12.96 -2.62
C PHE A 182 20.56 13.38 -3.56
N GLY A 183 20.88 14.32 -4.47
CA GLY A 183 20.04 14.66 -5.61
C GLY A 183 20.03 16.14 -5.90
N GLN A 184 19.16 16.59 -6.80
CA GLN A 184 19.16 18.01 -7.16
C GLN A 184 17.81 18.65 -7.08
N VAL A 185 17.26 18.79 -5.88
CA VAL A 185 16.07 19.61 -5.68
C VAL A 185 16.41 21.08 -5.92
N TYR A 186 15.50 21.81 -6.53
CA TYR A 186 15.73 23.22 -6.71
C TYR A 186 14.59 24.05 -6.13
N VAL A 187 14.84 25.32 -5.91
CA VAL A 187 13.75 26.13 -5.32
C VAL A 187 12.93 26.65 -6.49
N ALA A 188 11.59 26.55 -6.39
CA ALA A 188 10.65 26.98 -7.45
C ALA A 188 10.03 28.36 -7.17
N ASP A 189 9.85 29.24 -8.18
CA ASP A 189 9.20 30.55 -7.90
C ASP A 189 7.78 30.24 -7.52
N SER A 190 7.01 31.21 -7.03
CA SER A 190 5.65 30.88 -6.54
C SER A 190 4.62 30.54 -7.65
N ASN A 191 4.96 30.95 -8.87
CA ASN A 191 4.23 30.46 -10.03
C ASN A 191 4.45 28.93 -10.13
N GLU A 192 5.66 28.50 -10.49
CA GLU A 192 5.94 27.06 -10.55
C GLU A 192 5.60 26.36 -9.25
N ALA A 193 5.55 27.13 -8.17
CA ALA A 193 5.63 26.56 -6.82
C ALA A 193 4.54 25.55 -6.40
N PRO A 194 3.25 25.82 -6.72
CA PRO A 194 2.23 24.84 -6.27
C PRO A 194 2.29 23.50 -7.04
N TYR A 195 2.97 23.48 -8.19
CA TYR A 195 3.10 22.28 -9.01
C TYR A 195 4.23 21.31 -8.61
N CYS A 196 4.97 21.60 -7.54
CA CYS A 196 6.12 20.77 -7.20
C CYS A 196 5.79 19.50 -6.45
N GLN A 197 6.59 18.50 -6.74
CA GLN A 197 6.53 17.23 -6.08
C GLN A 197 7.88 17.16 -5.42
N LEU A 198 7.95 16.66 -4.21
CA LEU A 198 9.26 16.28 -3.71
C LEU A 198 9.24 14.78 -3.55
N ASP A 199 10.12 14.07 -4.23
CA ASP A 199 10.24 12.67 -3.89
C ASP A 199 11.63 12.01 -3.75
N VAL A 200 11.54 10.81 -3.21
CA VAL A 200 12.66 10.14 -2.61
C VAL A 200 12.71 8.78 -3.22
N VAL A 201 13.75 8.50 -4.00
CA VAL A 201 13.86 7.20 -4.67
C VAL A 201 14.87 6.38 -3.89
N VAL A 202 14.49 5.15 -3.53
CA VAL A 202 15.32 4.34 -2.69
C VAL A 202 16.26 3.42 -3.51
N HIS A 203 17.56 3.64 -3.40
CA HIS A 203 18.52 2.83 -4.12
C HIS A 203 19.19 1.91 -3.13
N ASP A 204 19.88 0.90 -3.63
CA ASP A 204 20.56 -0.11 -2.82
C ASP A 204 21.50 0.35 -1.67
N ASN A 205 21.58 -0.46 -0.63
CA ASN A 205 22.58 -0.20 0.41
C ASN A 205 22.45 1.21 1.02
N ASN A 206 21.22 1.61 1.35
CA ASN A 206 20.88 2.89 2.04
C ASN A 206 21.34 4.16 1.36
N ARG A 207 20.99 4.27 0.09
CA ARG A 207 21.30 5.47 -0.66
C ARG A 207 20.00 6.12 -1.12
N TYR A 208 19.82 7.40 -0.81
CA TYR A 208 18.54 8.03 -1.14
C TYR A 208 18.70 9.20 -2.09
N GLN A 209 17.84 9.20 -3.12
CA GLN A 209 17.89 10.17 -4.17
C GLN A 209 16.63 10.92 -4.00
N VAL A 210 16.74 12.23 -3.90
CA VAL A 210 15.58 13.08 -3.70
C VAL A 210 15.49 13.98 -4.96
N LYS A 211 14.29 14.07 -5.55
CA LYS A 211 14.08 14.85 -6.74
C LYS A 211 12.89 15.78 -6.59
N GLY A 212 12.79 16.75 -7.47
CA GLY A 212 11.69 17.70 -7.39
C GLY A 212 12.17 19.08 -7.00
N CYS A 213 11.23 19.88 -6.53
CA CYS A 213 11.48 21.19 -6.02
C CYS A 213 10.53 21.36 -4.87
N LEU A 214 10.80 22.40 -4.09
CA LEU A 214 9.80 22.98 -3.18
C LEU A 214 9.83 24.50 -3.25
N ALA A 215 8.82 25.13 -2.67
CA ALA A 215 8.76 26.59 -2.55
C ALA A 215 9.89 27.08 -1.65
N ARG A 216 10.29 28.33 -1.82
CA ARG A 216 11.31 28.86 -0.94
C ARG A 216 10.82 28.57 0.50
N GLN A 217 11.71 28.22 1.40
CA GLN A 217 11.31 27.91 2.78
C GLN A 217 11.99 28.84 3.76
N TYR A 218 11.31 29.13 4.87
CA TYR A 218 11.71 30.12 5.88
C TYR A 218 11.81 29.57 7.28
N LYS A 219 11.90 28.26 7.42
CA LYS A 219 12.54 27.56 8.54
C LYS A 219 13.37 26.58 7.74
N PRO A 220 14.15 25.76 8.45
CA PRO A 220 14.78 24.56 7.90
C PRO A 220 13.74 23.42 7.79
N PHE A 221 13.75 22.80 6.62
CA PHE A 221 12.85 21.75 6.25
C PHE A 221 13.49 20.45 6.68
N GLY A 222 12.75 19.60 7.35
CA GLY A 222 13.35 18.33 7.75
C GLY A 222 12.84 17.12 6.97
N LEU A 223 13.73 16.20 6.63
CA LEU A 223 13.21 14.94 6.13
C LEU A 223 13.43 13.88 7.18
N SER A 224 12.47 13.00 7.36
CA SER A 224 12.72 11.86 8.20
C SER A 224 12.77 10.62 7.35
N PHE A 225 13.89 9.95 7.20
CA PHE A 225 13.83 8.75 6.37
C PHE A 225 13.87 7.45 7.21
N ALA A 226 13.20 6.43 6.68
CA ALA A 226 13.22 5.10 7.24
C ALA A 226 14.41 4.38 6.59
N VAL A 227 15.23 3.70 7.37
CA VAL A 227 16.36 3.02 6.80
C VAL A 227 15.76 1.82 6.08
N GLN A 228 16.19 1.54 4.84
CA GLN A 228 15.66 0.42 4.01
C GLN A 228 16.44 -0.83 4.20
N ASN A 229 17.75 -0.71 4.33
CA ASN A 229 18.52 -1.93 4.52
C ASN A 229 19.06 -1.95 5.91
N THR A 230 18.26 -2.51 6.83
CA THR A 230 18.58 -2.49 8.27
C THR A 230 19.84 -3.31 8.60
N ASP A 231 20.05 -4.43 7.91
CA ASP A 231 21.23 -5.25 8.16
C ASP A 231 22.51 -4.53 7.78
N ALA A 232 22.52 -3.89 6.61
CA ALA A 232 23.70 -3.11 6.27
C ALA A 232 23.86 -2.01 7.28
N TYR A 233 22.77 -1.31 7.56
CA TYR A 233 22.79 -0.21 8.52
C TYR A 233 23.49 -0.61 9.82
N ALA A 234 23.05 -1.74 10.40
CA ALA A 234 23.58 -2.15 11.67
C ALA A 234 25.08 -2.54 11.51
N ALA A 235 25.41 -3.31 10.46
CA ALA A 235 26.81 -3.69 10.26
C ALA A 235 27.74 -2.51 10.21
N ALA A 236 27.37 -1.46 9.45
CA ALA A 236 28.22 -0.28 9.32
C ALA A 236 28.33 0.36 10.66
N ILE A 237 27.22 0.51 11.32
CA ILE A 237 27.30 1.08 12.69
C ILE A 237 28.20 0.29 13.64
N ILE A 238 28.16 -1.04 13.55
CA ILE A 238 28.91 -1.83 14.48
C ILE A 238 30.39 -1.61 14.17
N GLN A 239 30.73 -1.44 12.90
CA GLN A 239 32.10 -1.14 12.55
C GLN A 239 32.55 0.24 13.02
N ARG A 240 31.73 1.26 12.84
CA ARG A 240 32.05 2.52 13.42
C ARG A 240 32.25 2.40 14.96
N GLN A 241 31.58 1.47 15.60
CA GLN A 241 31.62 1.46 17.02
C GLN A 241 32.83 0.68 17.51
N LEU A 242 33.23 -0.36 16.77
CA LEU A 242 34.48 -1.08 17.08
C LEU A 242 35.68 -0.19 16.86
N ARG A 243 35.61 0.65 15.84
CA ARG A 243 36.71 1.59 15.61
C ARG A 243 36.85 2.64 16.73
N LYS A 244 35.75 3.32 17.04
CA LYS A 244 35.77 4.27 18.13
C LYS A 244 36.15 3.56 19.46
N LEU A 245 35.79 2.28 19.62
CA LEU A 245 36.20 1.55 20.81
C LEU A 245 37.68 1.14 20.80
N GLY A 246 38.36 1.36 19.66
CA GLY A 246 39.73 0.87 19.48
C GLY A 246 39.82 -0.66 19.55
N ILE A 247 38.78 -1.34 19.07
CA ILE A 247 38.90 -2.73 18.78
C ILE A 247 39.20 -2.82 17.26
N GLU A 248 40.24 -3.56 16.92
CA GLU A 248 40.64 -3.63 15.54
C GLU A 248 39.84 -4.70 14.89
N PHE A 249 39.49 -4.46 13.64
CA PHE A 249 38.75 -5.39 12.81
C PHE A 249 39.02 -5.11 11.30
N ASN A 250 39.25 -6.18 10.54
CA ASN A 250 39.65 -6.04 9.14
C ASN A 250 38.91 -7.04 8.26
N GLY A 251 37.95 -7.75 8.83
CA GLY A 251 37.34 -8.89 8.16
C GLY A 251 36.13 -8.52 7.31
N LYS A 252 35.46 -9.56 6.85
CA LYS A 252 34.28 -9.41 6.06
C LYS A 252 33.02 -9.17 6.93
N VAL A 253 32.00 -8.58 6.32
CA VAL A 253 30.71 -8.44 6.91
C VAL A 253 29.81 -9.50 6.27
N LEU A 254 29.43 -10.53 7.02
CA LEU A 254 28.66 -11.64 6.49
C LEU A 254 27.27 -11.70 7.07
N LEU A 255 26.28 -12.01 6.23
CA LEU A 255 24.88 -12.11 6.61
C LEU A 255 24.30 -13.41 6.18
N PRO A 256 24.62 -14.50 6.88
CA PRO A 256 24.26 -15.90 6.61
C PRO A 256 22.78 -16.39 6.62
N GLN A 257 21.82 -15.67 7.20
CA GLN A 257 20.42 -16.19 7.19
C GLN A 257 20.12 -17.40 8.04
N LYS A 258 21.06 -18.12 8.58
CA LYS A 258 20.57 -19.11 9.52
C LYS A 258 20.95 -18.71 10.95
N PRO A 259 20.35 -19.32 11.97
CA PRO A 259 20.87 -18.93 13.26
C PRO A 259 22.35 -19.28 13.32
N GLN A 260 23.14 -18.58 14.14
CA GLN A 260 24.59 -18.82 14.28
C GLN A 260 24.97 -19.31 15.69
N GLN A 261 25.84 -20.32 15.78
CA GLN A 261 26.27 -20.90 17.07
C GLN A 261 27.44 -20.12 17.62
N GLY A 262 27.61 -20.22 18.91
CA GLY A 262 28.64 -19.48 19.60
C GLY A 262 28.44 -19.53 21.10
N GLN A 263 29.54 -19.32 21.82
CA GLN A 263 29.41 -19.12 23.21
C GLN A 263 29.01 -17.65 23.41
N LEU A 264 27.95 -17.48 24.19
CA LEU A 264 27.51 -16.18 24.68
C LEU A 264 28.61 -15.40 25.36
N LEU A 265 28.99 -14.28 24.77
CA LEU A 265 29.95 -13.38 25.38
C LEU A 265 29.27 -12.22 26.14
N ALA A 266 28.02 -11.91 25.81
CA ALA A 266 27.40 -10.70 26.35
C ALA A 266 26.05 -10.47 25.70
N LYS A 267 25.13 -9.91 26.50
CA LYS A 267 23.72 -9.83 26.14
C LYS A 267 23.03 -8.54 26.66
N HIS A 268 22.41 -7.79 25.78
CA HIS A 268 21.66 -6.60 26.16
C HIS A 268 20.22 -7.09 26.30
N LEU A 269 19.51 -6.65 27.34
CA LEU A 269 18.10 -7.00 27.49
C LEU A 269 17.28 -5.72 27.47
N SER A 270 16.17 -5.73 26.78
CA SER A 270 15.32 -4.56 26.82
C SER A 270 14.54 -4.51 28.13
N LYS A 271 13.77 -3.46 28.24
CA LYS A 271 12.80 -3.39 29.28
C LYS A 271 11.87 -4.53 29.01
N PRO A 272 11.26 -5.00 30.08
CA PRO A 272 10.43 -6.18 30.04
C PRO A 272 9.05 -5.80 29.53
N LEU A 273 8.24 -6.80 29.30
CA LEU A 273 7.02 -6.62 28.59
C LEU A 273 6.11 -5.55 29.19
N PRO A 274 5.87 -5.58 30.54
CA PRO A 274 4.93 -4.52 31.00
C PRO A 274 5.38 -3.11 30.54
N ASP A 275 6.66 -2.77 30.61
CA ASP A 275 7.01 -1.49 30.09
C ASP A 275 6.65 -1.43 28.60
N LEU A 276 6.93 -2.50 27.83
CA LEU A 276 6.78 -2.43 26.38
C LEU A 276 5.34 -2.22 26.02
N LEU A 277 4.48 -2.87 26.79
CA LEU A 277 3.09 -2.75 26.55
C LEU A 277 2.56 -1.40 26.96
N LYS A 278 3.04 -0.88 28.09
CA LYS A 278 2.53 0.42 28.57
C LYS A 278 2.83 1.42 27.49
N LYS A 279 4.06 1.46 27.02
CA LYS A 279 4.38 2.40 25.93
C LYS A 279 3.61 2.14 24.60
N MET A 280 3.33 0.90 24.29
CA MET A 280 2.72 0.61 23.01
C MET A 280 1.27 1.10 23.08
N MET A 281 0.59 0.79 24.18
CA MET A 281 -0.83 1.20 24.37
C MET A 281 -1.06 2.68 24.58
N LYS A 282 -0.27 3.28 25.44
CA LYS A 282 -0.47 4.68 25.83
C LYS A 282 -0.11 5.56 24.67
N LYS A 283 1.02 5.27 24.01
CA LYS A 283 1.52 6.19 22.97
C LYS A 283 1.34 5.64 21.53
N SER A 284 0.87 4.41 21.40
CA SER A 284 0.64 3.80 20.10
C SER A 284 1.90 3.64 19.32
N ASP A 285 2.86 2.88 19.83
CA ASP A 285 4.09 2.68 19.11
C ASP A 285 3.92 1.54 18.09
N ASN A 286 3.89 1.87 16.80
CA ASN A 286 3.87 0.85 15.71
C ASN A 286 4.98 -0.21 15.79
N GLN A 287 6.22 0.22 15.93
CA GLN A 287 7.32 -0.73 16.01
C GLN A 287 7.16 -1.69 17.11
N ILE A 288 6.69 -1.21 18.27
CA ILE A 288 6.62 -2.16 19.39
C ILE A 288 5.58 -3.17 19.02
N ALA A 289 4.45 -2.73 18.56
CA ALA A 289 3.39 -3.67 18.13
C ALA A 289 3.85 -4.68 17.05
N ASP A 290 4.53 -4.19 16.00
CA ASP A 290 4.91 -5.13 14.96
C ASP A 290 6.07 -6.01 15.38
N SER A 291 6.92 -5.50 16.26
CA SER A 291 7.94 -6.37 16.87
C SER A 291 7.35 -7.45 17.75
N LEU A 292 6.40 -7.08 18.61
CA LEU A 292 5.82 -8.07 19.50
C LEU A 292 5.05 -9.06 18.65
N PHE A 293 4.29 -8.58 17.66
CA PHE A 293 3.48 -9.46 16.84
C PHE A 293 4.38 -10.59 16.39
N ARG A 294 5.55 -10.28 15.85
CA ARG A 294 6.45 -11.35 15.47
C ARG A 294 7.12 -12.12 16.62
N ALA A 295 7.57 -11.47 17.71
CA ALA A 295 8.15 -12.30 18.78
C ALA A 295 7.11 -13.34 19.14
N VAL A 296 5.85 -12.94 19.22
CA VAL A 296 4.82 -13.92 19.54
C VAL A 296 4.88 -15.13 18.60
N ALA A 297 5.13 -14.92 17.31
CA ALA A 297 5.17 -16.04 16.38
C ALA A 297 6.42 -16.88 16.68
N PHE A 298 7.58 -16.22 16.71
CA PHE A 298 8.81 -16.95 17.00
C PHE A 298 8.65 -17.87 18.18
N ASN A 299 8.08 -17.35 19.26
CA ASN A 299 8.07 -18.10 20.49
C ASN A 299 7.07 -19.23 20.49
N TYR A 300 5.96 -19.05 19.79
CA TYR A 300 4.86 -19.97 19.81
C TYR A 300 5.08 -21.07 18.78
N TYR A 301 5.80 -20.78 17.71
CA TYR A 301 5.97 -21.76 16.65
C TYR A 301 7.43 -22.17 16.60
N LYS A 302 8.29 -21.44 17.32
CA LYS A 302 9.75 -21.66 17.26
C LYS A 302 10.25 -21.70 15.87
N ARG A 303 10.09 -20.66 15.09
CA ARG A 303 10.65 -20.63 13.72
C ARG A 303 10.71 -19.23 13.12
N PRO A 304 11.74 -18.95 12.30
CA PRO A 304 11.80 -17.57 11.80
C PRO A 304 10.38 -17.16 11.63
N ALA A 305 10.10 -15.88 11.86
CA ALA A 305 8.71 -15.46 11.96
C ALA A 305 8.39 -14.36 11.00
N SER A 306 7.26 -14.47 10.36
CA SER A 306 6.79 -13.47 9.42
C SER A 306 5.38 -12.97 9.84
N PHE A 307 4.83 -12.06 9.06
CA PHE A 307 3.58 -11.45 9.42
C PHE A 307 2.47 -12.48 9.36
N GLN A 308 2.49 -13.30 8.31
CA GLN A 308 1.50 -14.37 8.20
C GLN A 308 1.65 -15.35 9.39
N LEU A 309 2.83 -15.49 9.96
CA LEU A 309 2.94 -16.46 11.10
C LEU A 309 2.38 -15.78 12.38
N GLY A 310 2.60 -14.46 12.42
CA GLY A 310 2.15 -13.65 13.52
C GLY A 310 0.65 -13.74 13.55
N THR A 311 0.06 -13.56 12.38
CA THR A 311 -1.36 -13.65 12.19
C THR A 311 -1.89 -14.97 12.71
N LEU A 312 -1.24 -16.07 12.42
CA LEU A 312 -1.83 -17.36 12.79
C LEU A 312 -1.71 -17.57 14.26
N ALA A 313 -0.60 -17.10 14.80
CA ALA A 313 -0.35 -17.34 16.22
C ALA A 313 -1.24 -16.50 17.14
N VAL A 314 -1.45 -15.24 16.79
CA VAL A 314 -2.24 -14.33 17.61
C VAL A 314 -3.68 -14.86 17.61
N LYS A 315 -4.12 -15.27 16.42
CA LYS A 315 -5.50 -15.76 16.25
C LYS A 315 -5.73 -16.98 17.15
N SER A 316 -4.70 -17.82 17.20
CA SER A 316 -4.77 -19.12 17.85
C SER A 316 -4.64 -18.95 19.34
N ILE A 317 -3.74 -18.06 19.78
CA ILE A 317 -3.62 -17.76 21.22
C ILE A 317 -4.91 -17.18 21.73
N LEU A 318 -5.54 -16.32 20.98
CA LEU A 318 -6.74 -15.72 21.52
C LEU A 318 -7.86 -16.73 21.47
N GLN A 319 -7.91 -17.49 20.38
CA GLN A 319 -8.94 -18.49 20.26
C GLN A 319 -9.08 -19.38 21.45
N LYS A 320 -7.98 -19.81 22.05
CA LYS A 320 -8.12 -20.79 23.16
C LYS A 320 -8.65 -20.07 24.36
N GLN A 321 -8.67 -18.77 24.28
CA GLN A 321 -9.27 -17.97 25.33
C GLN A 321 -10.72 -17.64 25.04
N GLY A 322 -11.26 -17.98 23.87
CA GLY A 322 -12.67 -17.84 23.66
C GLY A 322 -13.05 -16.76 22.68
N ILE A 323 -12.07 -16.03 22.18
CA ILE A 323 -12.30 -15.01 21.18
C ILE A 323 -12.59 -15.72 19.88
N ARG A 324 -13.57 -15.23 19.11
CA ARG A 324 -13.94 -15.85 17.83
C ARG A 324 -13.71 -14.80 16.74
N PHE A 325 -12.99 -15.18 15.69
CA PHE A 325 -12.50 -14.31 14.67
C PHE A 325 -13.33 -14.37 13.42
N GLY A 326 -13.97 -15.51 13.21
CA GLY A 326 -14.69 -15.71 11.94
C GLY A 326 -13.81 -15.37 10.75
N ASN A 327 -14.28 -14.54 9.83
CA ASN A 327 -13.39 -14.23 8.73
C ASN A 327 -12.60 -12.93 8.87
N SER A 328 -12.29 -12.56 10.09
CA SER A 328 -11.46 -11.35 10.22
C SER A 328 -10.16 -11.56 9.48
N ILE A 329 -9.60 -10.46 9.00
CA ILE A 329 -8.22 -10.37 8.58
C ILE A 329 -7.43 -9.40 9.47
N LEU A 330 -6.56 -9.98 10.27
CA LEU A 330 -5.55 -9.30 11.03
C LEU A 330 -4.23 -9.38 10.26
N ALA A 331 -3.91 -8.28 9.59
CA ALA A 331 -2.82 -8.32 8.63
C ALA A 331 -1.53 -8.09 9.37
N ASP A 332 -1.61 -7.41 10.53
CA ASP A 332 -0.42 -6.98 11.29
C ASP A 332 -0.69 -6.84 12.82
N GLY A 333 0.37 -6.61 13.60
CA GLY A 333 0.23 -6.33 15.01
C GLY A 333 -0.18 -4.87 15.26
N SER A 334 0.22 -3.98 14.38
CA SER A 334 -0.02 -2.58 14.61
C SER A 334 -1.34 -2.05 14.00
N GLY A 335 -1.95 -2.79 13.07
CA GLY A 335 -3.14 -2.28 12.40
C GLY A 335 -2.85 -1.21 11.34
N LEU A 336 -1.59 -0.96 11.02
CA LEU A 336 -1.33 -0.07 9.91
C LEU A 336 -1.95 -0.48 8.62
N SER A 337 -2.00 -1.78 8.36
CA SER A 337 -2.25 -2.25 7.02
C SER A 337 -3.67 -2.06 6.66
N ARG A 338 -3.91 -1.72 5.40
CA ARG A 338 -5.28 -1.42 4.97
C ARG A 338 -5.94 -2.65 4.50
N HIS A 339 -5.30 -3.80 4.72
CA HIS A 339 -5.93 -5.10 4.49
C HIS A 339 -6.62 -5.63 5.73
N ASN A 340 -6.35 -5.02 6.88
CA ASN A 340 -7.05 -5.42 8.10
C ASN A 340 -8.59 -5.36 7.92
N LEU A 341 -9.34 -6.32 8.44
CA LEU A 341 -10.79 -6.29 8.42
C LEU A 341 -11.18 -6.91 9.74
N VAL A 342 -11.93 -6.18 10.57
CA VAL A 342 -12.45 -6.81 11.77
C VAL A 342 -13.67 -6.06 12.17
N ALA A 343 -14.60 -6.78 12.74
CA ALA A 343 -15.90 -6.23 13.06
C ALA A 343 -15.84 -5.68 14.51
N PRO A 344 -16.44 -4.46 14.74
CA PRO A 344 -16.44 -3.85 16.07
C PRO A 344 -16.74 -4.87 17.13
N LYS A 345 -17.74 -5.72 16.91
CA LYS A 345 -18.14 -6.63 17.98
C LYS A 345 -17.02 -7.54 18.35
N THR A 346 -16.13 -7.80 17.40
CA THR A 346 -14.99 -8.65 17.68
C THR A 346 -13.98 -7.96 18.62
N MET A 347 -13.66 -6.70 18.32
CA MET A 347 -12.93 -5.81 19.24
C MET A 347 -13.66 -5.85 20.62
N LEU A 348 -14.98 -5.82 20.63
CA LEU A 348 -15.62 -5.71 21.94
C LEU A 348 -15.33 -6.90 22.80
N SER A 349 -15.32 -8.09 22.19
CA SER A 349 -15.10 -9.28 23.05
C SER A 349 -13.68 -9.27 23.58
N VAL A 350 -12.75 -8.61 22.91
CA VAL A 350 -11.41 -8.66 23.49
C VAL A 350 -11.35 -7.74 24.72
N LEU A 351 -12.04 -6.62 24.59
CA LEU A 351 -12.22 -5.64 25.66
C LEU A 351 -12.82 -6.26 26.90
N GLU A 352 -13.94 -6.94 26.76
CA GLU A 352 -14.54 -7.68 27.89
C GLU A 352 -13.54 -8.64 28.45
N TYR A 353 -12.88 -9.37 27.56
CA TYR A 353 -11.98 -10.41 28.05
C TYR A 353 -10.89 -9.74 28.90
N ILE A 354 -10.46 -8.55 28.46
CA ILE A 354 -9.51 -7.72 29.19
C ILE A 354 -10.05 -7.16 30.54
N ALA A 355 -11.24 -6.56 30.53
CA ALA A 355 -11.86 -6.21 31.81
C ALA A 355 -12.10 -7.43 32.70
N LYS A 356 -12.55 -8.59 32.17
CA LYS A 356 -12.80 -9.78 33.06
C LYS A 356 -11.59 -10.45 33.68
N ASN A 357 -10.43 -10.36 33.06
CA ASN A 357 -9.29 -11.06 33.61
C ASN A 357 -8.28 -10.06 34.02
N GLU A 358 -8.72 -8.87 34.34
CA GLU A 358 -7.81 -7.83 34.80
C GLU A 358 -6.85 -8.25 35.97
N ASP A 359 -7.28 -9.12 36.88
CA ASP A 359 -6.43 -9.61 38.00
C ASP A 359 -5.17 -10.32 37.57
N LYS A 360 -5.29 -11.07 36.48
CA LYS A 360 -4.13 -11.67 35.93
C LYS A 360 -3.50 -10.86 34.81
N LEU A 361 -4.17 -9.96 34.12
CA LEU A 361 -3.45 -9.38 32.96
C LEU A 361 -2.87 -8.01 33.19
N HIS A 362 -3.56 -7.23 34.01
CA HIS A 362 -3.21 -5.82 34.24
C HIS A 362 -3.09 -5.08 32.93
N LEU A 363 -4.05 -5.20 32.03
CA LEU A 363 -3.90 -4.32 30.86
C LEU A 363 -4.63 -3.01 31.02
N MET A 364 -5.49 -2.93 32.02
CA MET A 364 -6.31 -1.73 32.13
C MET A 364 -5.47 -0.49 32.30
N GLU A 365 -4.37 -0.58 33.02
CA GLU A 365 -3.62 0.64 33.27
C GLU A 365 -2.88 1.07 32.03
N THR A 366 -2.87 0.27 30.97
CA THR A 366 -2.03 0.70 29.86
C THR A 366 -2.89 1.60 28.94
N PHE A 367 -4.21 1.61 29.18
CA PHE A 367 -5.06 2.35 28.26
C PHE A 367 -4.88 3.90 28.42
N PRO A 368 -4.86 4.64 27.31
CA PRO A 368 -4.72 6.10 27.42
C PRO A 368 -5.88 6.70 28.24
N ILE A 369 -5.71 7.88 28.84
CA ILE A 369 -6.76 8.33 29.81
C ILE A 369 -7.34 9.67 29.45
N ALA A 370 -8.65 9.75 29.22
CA ALA A 370 -9.09 11.00 28.66
C ALA A 370 -8.58 12.21 29.48
N GLY A 371 -7.96 13.14 28.76
CA GLY A 371 -7.43 14.37 29.31
C GLY A 371 -6.28 14.32 30.31
N VAL A 372 -5.74 13.15 30.53
CA VAL A 372 -4.68 12.94 31.50
C VAL A 372 -3.39 12.47 30.84
N ASP A 373 -3.43 11.50 29.92
CA ASP A 373 -2.19 11.00 29.26
C ASP A 373 -2.44 10.21 27.93
N GLY A 374 -1.36 9.72 27.31
CA GLY A 374 -1.47 8.98 26.06
C GLY A 374 -2.03 9.81 24.90
N THR A 375 -2.60 9.16 23.92
CA THR A 375 -2.92 9.83 22.69
C THR A 375 -4.27 10.49 22.80
N ILE A 376 -4.91 10.40 23.97
CA ILE A 376 -6.14 11.13 24.17
C ILE A 376 -6.05 12.22 25.27
N SER A 377 -4.86 12.64 25.67
CA SER A 377 -4.81 13.56 26.78
C SER A 377 -5.43 14.86 26.33
N GLY A 378 -5.37 15.13 25.04
CA GLY A 378 -5.98 16.33 24.47
C GLY A 378 -7.09 16.05 23.47
N ARG A 379 -7.76 14.90 23.56
CA ARG A 379 -8.80 14.59 22.55
C ARG A 379 -10.05 15.42 22.79
N GLY A 380 -10.23 16.38 21.91
CA GLY A 380 -11.28 17.37 22.04
C GLY A 380 -12.64 16.86 22.41
N GLY A 381 -13.07 15.76 21.80
CA GLY A 381 -14.41 15.26 22.17
C GLY A 381 -14.47 14.60 23.55
N LEU A 382 -13.37 14.61 24.28
CA LEU A 382 -13.34 13.84 25.50
C LEU A 382 -12.86 14.74 26.60
N ILE A 383 -12.55 16.00 26.28
CA ILE A 383 -11.89 16.87 27.27
C ILE A 383 -12.75 17.36 28.42
N SER A 384 -14.08 17.23 28.36
CA SER A 384 -14.92 17.79 29.40
C SER A 384 -15.58 16.72 30.25
N PRO A 385 -16.18 17.17 31.38
CA PRO A 385 -16.74 16.14 32.26
C PRO A 385 -18.08 15.87 31.63
N PRO A 386 -18.64 14.70 31.88
CA PRO A 386 -18.10 13.59 32.70
C PRO A 386 -17.14 12.58 31.99
N LEU A 387 -16.43 12.97 30.95
CA LEU A 387 -15.62 12.00 30.19
C LEU A 387 -14.14 12.04 30.69
N VAL A 388 -13.64 13.25 30.78
CA VAL A 388 -12.35 13.55 31.34
C VAL A 388 -12.14 12.69 32.60
N LYS A 389 -10.95 12.12 32.75
CA LYS A 389 -10.64 11.23 33.88
C LYS A 389 -11.55 10.06 34.00
N ASN A 390 -12.33 9.72 32.97
CA ASN A 390 -13.29 8.59 33.12
C ASN A 390 -13.03 7.56 32.02
N VAL A 391 -13.13 8.04 30.78
CA VAL A 391 -12.94 7.23 29.59
C VAL A 391 -11.50 6.84 29.41
N ILE A 392 -11.19 5.58 29.31
CA ILE A 392 -9.86 5.23 28.77
C ILE A 392 -10.04 4.59 27.34
N ALA A 393 -9.06 4.66 26.46
CA ALA A 393 -9.35 4.18 25.11
C ALA A 393 -8.12 4.18 24.28
N LYS A 394 -7.98 3.16 23.42
CA LYS A 394 -6.87 3.09 22.46
C LYS A 394 -7.32 3.78 21.22
N THR A 395 -6.53 4.68 20.68
CA THR A 395 -6.95 5.27 19.44
C THR A 395 -6.41 4.48 18.26
N GLY A 396 -7.04 4.67 17.12
CA GLY A 396 -6.50 4.24 15.86
C GLY A 396 -6.66 5.38 14.92
N SER A 397 -5.68 5.67 14.07
CA SER A 397 -5.81 6.76 13.08
C SER A 397 -5.10 6.42 11.76
N LEU A 398 -5.76 6.70 10.65
CA LEU A 398 -5.13 6.69 9.33
C LEU A 398 -5.90 7.81 8.56
N LYS A 399 -5.45 8.21 7.40
CA LYS A 399 -6.20 9.16 6.63
C LYS A 399 -7.56 8.51 6.42
N GLY A 400 -8.62 9.17 6.91
CA GLY A 400 -9.97 8.68 6.68
C GLY A 400 -10.48 7.77 7.78
N VAL A 401 -9.62 7.50 8.78
CA VAL A 401 -10.04 6.56 9.86
C VAL A 401 -9.82 7.12 11.24
N TYR A 402 -10.81 7.03 12.10
CA TYR A 402 -10.72 7.63 13.47
C TYR A 402 -11.53 6.81 14.42
N ASN A 403 -10.82 6.03 15.22
CA ASN A 403 -11.38 4.98 16.05
C ASN A 403 -10.91 5.09 17.53
N LEU A 404 -11.69 4.47 18.39
CA LEU A 404 -11.50 4.36 19.83
C LEU A 404 -12.01 3.01 20.30
N ALA A 405 -11.29 2.44 21.22
CA ALA A 405 -11.62 1.12 21.79
C ALA A 405 -11.29 1.19 23.29
N GLY A 406 -12.29 1.13 24.16
CA GLY A 406 -12.01 1.26 25.59
C GLY A 406 -13.16 1.06 26.58
N PHE A 407 -13.03 1.75 27.71
CA PHE A 407 -14.00 1.64 28.77
C PHE A 407 -14.27 3.01 29.38
N MET A 408 -15.38 3.06 30.09
CA MET A 408 -15.71 4.26 30.87
C MET A 408 -16.67 3.82 31.96
N THR A 409 -16.90 4.72 32.93
CA THR A 409 -17.90 4.51 34.01
C THR A 409 -19.03 5.39 33.65
N ASN A 410 -20.22 4.86 33.73
CA ASN A 410 -21.40 5.57 33.41
C ASN A 410 -21.88 6.39 34.66
N ALA A 411 -23.08 6.97 34.55
CA ALA A 411 -23.63 7.86 35.53
C ALA A 411 -23.95 7.10 36.79
N ARG A 412 -24.41 5.85 36.66
CA ARG A 412 -24.68 4.98 37.80
C ARG A 412 -23.43 4.30 38.36
N GLY A 413 -22.23 4.76 37.96
CA GLY A 413 -21.02 4.03 38.30
C GLY A 413 -20.79 2.59 37.81
N GLU A 414 -21.52 2.14 36.81
CA GLU A 414 -21.14 0.84 36.17
C GLU A 414 -20.17 0.95 35.00
N LYS A 415 -19.47 -0.15 34.76
CA LYS A 415 -18.48 -0.24 33.66
C LYS A 415 -19.09 -0.35 32.28
N VAL A 416 -18.69 0.52 31.40
CA VAL A 416 -19.06 0.37 30.02
C VAL A 416 -17.83 0.11 29.09
N ALA A 417 -17.93 -0.93 28.26
CA ALA A 417 -16.88 -1.23 27.30
C ALA A 417 -17.40 -0.85 25.98
N PHE A 418 -16.64 -0.13 25.20
CA PHE A 418 -17.15 0.20 23.91
C PHE A 418 -16.13 0.04 22.75
N VAL A 419 -16.65 0.04 21.52
CA VAL A 419 -15.80 0.18 20.32
C VAL A 419 -16.42 1.08 19.24
N GLN A 420 -15.59 1.98 18.75
CA GLN A 420 -15.99 2.94 17.77
C GLN A 420 -15.00 2.96 16.54
N PHE A 421 -15.51 2.54 15.38
CA PHE A 421 -14.81 2.57 14.11
C PHE A 421 -15.46 3.56 13.22
N ILE A 422 -14.67 4.50 12.74
CA ILE A 422 -15.13 5.40 11.76
C ILE A 422 -14.17 5.34 10.53
N ASN A 423 -14.73 5.16 9.37
CA ASN A 423 -13.96 4.96 8.10
C ASN A 423 -14.70 5.81 7.13
N GLY A 424 -14.03 6.21 6.06
CA GLY A 424 -14.67 7.01 5.04
C GLY A 424 -14.75 8.51 5.36
N TYR A 425 -13.87 8.98 6.24
CA TYR A 425 -14.01 10.31 6.73
C TYR A 425 -13.21 11.24 5.87
N SER A 426 -13.90 12.13 5.18
CA SER A 426 -13.24 13.03 4.25
C SER A 426 -13.88 14.39 4.20
N THR A 427 -13.09 15.43 4.46
CA THR A 427 -13.61 16.78 4.46
C THR A 427 -12.77 17.65 3.53
N GLY A 428 -11.91 17.07 2.72
CA GLY A 428 -11.13 17.95 1.85
C GLY A 428 -10.35 17.33 0.70
N ASP A 429 -9.66 18.21 -0.05
CA ASP A 429 -8.65 17.76 -1.02
C ASP A 429 -7.70 16.76 -0.30
N LEU A 430 -7.34 15.70 -1.03
CA LEU A 430 -6.56 14.53 -0.51
C LEU A 430 -5.28 14.86 0.29
N GLU A 431 -4.72 16.07 0.09
CA GLU A 431 -3.55 16.52 0.87
C GLU A 431 -3.81 17.78 1.75
N SER A 432 -5.07 18.02 2.12
CA SER A 432 -5.41 19.08 3.11
C SER A 432 -5.47 18.56 4.56
N LYS A 433 -5.30 19.48 5.51
CA LYS A 433 -5.57 19.18 6.92
C LYS A 433 -7.06 18.82 7.13
N THR A 434 -7.32 17.56 7.48
CA THR A 434 -8.67 17.13 7.78
C THR A 434 -9.24 18.04 8.87
N LYS A 435 -10.54 18.38 8.78
CA LYS A 435 -11.26 19.07 9.87
C LYS A 435 -11.84 18.06 10.91
N ARG A 436 -11.42 18.20 12.17
CA ARG A 436 -11.86 17.29 13.22
C ARG A 436 -13.14 17.76 13.91
N ALA A 437 -13.71 18.90 13.50
CA ALA A 437 -14.83 19.45 14.28
C ALA A 437 -15.98 18.50 14.24
N PRO A 438 -16.30 17.95 13.08
CA PRO A 438 -17.36 16.93 13.09
C PRO A 438 -17.02 15.77 14.00
N LEU A 439 -15.75 15.39 14.04
CA LEU A 439 -15.37 14.25 14.88
C LEU A 439 -15.53 14.55 16.36
N VAL A 440 -14.95 15.67 16.75
CA VAL A 440 -15.15 16.19 18.10
C VAL A 440 -16.62 16.23 18.47
N GLN A 441 -17.48 16.79 17.61
CA GLN A 441 -18.87 16.75 17.94
C GLN A 441 -19.30 15.33 18.17
N PHE A 442 -19.06 14.42 17.21
CA PHE A 442 -19.76 13.15 17.24
C PHE A 442 -19.34 12.35 18.44
N GLU A 443 -18.06 12.37 18.78
CA GLU A 443 -17.53 11.77 19.98
C GLU A 443 -18.10 12.37 21.30
N ARG A 444 -18.11 13.71 21.40
CA ARG A 444 -18.67 14.33 22.57
C ARG A 444 -20.09 13.78 22.79
N ASN A 445 -20.94 13.85 21.76
CA ASN A 445 -22.28 13.27 21.85
C ASN A 445 -22.33 11.80 22.11
N LEU A 446 -21.52 10.99 21.40
CA LEU A 446 -21.63 9.56 21.60
C LEU A 446 -21.31 9.23 23.03
N TYR A 447 -20.17 9.67 23.53
CA TYR A 447 -19.76 9.32 24.87
C TYR A 447 -20.69 9.82 26.00
N ASN A 448 -21.21 11.05 25.85
CA ASN A 448 -22.33 11.48 26.70
C ASN A 448 -23.51 10.57 26.63
N GLU A 449 -23.85 10.07 25.44
CA GLU A 449 -24.93 9.10 25.48
C GLU A 449 -24.52 7.87 26.26
N LEU A 450 -23.28 7.45 26.15
CA LEU A 450 -23.01 6.16 26.79
C LEU A 450 -23.00 6.37 28.31
N TYR A 451 -22.59 7.58 28.70
CA TYR A 451 -22.52 7.91 30.10
C TYR A 451 -23.91 7.97 30.75
N LYS A 452 -24.84 8.59 30.06
CA LYS A 452 -26.17 8.83 30.59
C LYS A 452 -27.15 7.66 30.41
N TYR A 453 -26.81 6.74 29.52
CA TYR A 453 -27.78 5.79 29.06
C TYR A 453 -28.32 5.00 30.24
N MET B 1 -39.48 1.77 -3.46
CA MET B 1 -38.15 1.26 -3.92
C MET B 1 -37.96 -0.23 -3.80
N ILE B 2 -36.96 -0.75 -4.48
CA ILE B 2 -36.59 -2.15 -4.33
C ILE B 2 -35.99 -2.40 -2.97
N ASN B 3 -36.15 -3.60 -2.45
CA ASN B 3 -35.67 -3.87 -1.10
C ASN B 3 -34.29 -4.49 -1.08
N VAL B 4 -33.24 -3.65 -1.04
CA VAL B 4 -31.87 -4.12 -1.20
C VAL B 4 -31.44 -4.76 0.09
N SER B 5 -31.86 -4.17 1.18
CA SER B 5 -31.57 -4.70 2.48
C SER B 5 -31.91 -6.20 2.55
N ASP B 6 -33.11 -6.58 2.11
CA ASP B 6 -33.37 -8.00 1.93
C ASP B 6 -32.27 -8.74 1.22
N LEU B 7 -31.81 -8.23 0.08
CA LEU B 7 -30.78 -9.01 -0.68
C LEU B 7 -29.41 -9.20 0.07
N THR B 8 -28.92 -8.16 0.75
CA THR B 8 -27.59 -8.22 1.32
C THR B 8 -27.58 -9.26 2.39
N GLN B 9 -28.75 -9.62 2.85
CA GLN B 9 -28.90 -10.74 3.79
C GLN B 9 -28.16 -12.03 3.48
N LYS B 10 -27.74 -12.25 2.22
CA LYS B 10 -27.04 -13.50 1.90
C LYS B 10 -25.65 -13.26 1.31
N LEU B 11 -25.21 -12.01 1.36
CA LEU B 11 -23.81 -11.74 1.08
C LEU B 11 -23.13 -12.19 2.35
N PRO B 12 -21.85 -12.53 2.30
CA PRO B 12 -21.24 -13.03 3.56
C PRO B 12 -21.34 -12.04 4.71
N GLU B 13 -21.43 -12.60 5.91
CA GLU B 13 -21.36 -11.82 7.11
C GLU B 13 -20.21 -10.81 7.14
N GLY B 14 -20.52 -9.63 7.68
CA GLY B 14 -19.59 -8.55 7.76
C GLY B 14 -19.31 -7.79 6.47
N SER B 15 -19.98 -8.08 5.37
CA SER B 15 -19.64 -7.27 4.20
C SER B 15 -20.58 -6.11 4.16
N ASN B 16 -20.26 -5.11 3.37
CA ASN B 16 -21.11 -3.97 3.27
C ASN B 16 -21.45 -3.76 1.78
N ALA B 17 -22.72 -3.40 1.45
CA ALA B 17 -23.03 -3.06 0.08
C ALA B 17 -23.51 -1.66 -0.12
N GLY B 18 -23.17 -1.09 -1.24
CA GLY B 18 -23.69 0.18 -1.65
C GLY B 18 -24.28 0.00 -3.04
N VAL B 19 -25.58 0.25 -3.14
CA VAL B 19 -26.35 -0.03 -4.37
C VAL B 19 -27.27 1.11 -4.64
N ILE B 20 -27.30 1.63 -5.86
CA ILE B 20 -28.28 2.64 -6.26
C ILE B 20 -28.61 2.55 -7.81
N ALA B 21 -29.88 2.74 -8.21
CA ALA B 21 -30.33 2.56 -9.62
C ALA B 21 -31.39 3.59 -9.96
N LYS B 22 -31.21 4.19 -11.11
CA LYS B 22 -32.16 5.18 -11.53
C LYS B 22 -32.71 4.76 -12.90
N ASN B 23 -34.04 4.81 -13.00
CA ASN B 23 -34.75 4.61 -14.25
C ASN B 23 -34.70 5.93 -14.98
N ILE B 24 -33.83 6.00 -15.98
CA ILE B 24 -33.60 7.18 -16.78
C ILE B 24 -34.85 7.64 -17.48
N ASN B 25 -35.69 6.73 -17.92
CA ASN B 25 -36.90 7.13 -18.62
C ASN B 25 -37.85 7.86 -17.67
N GLN B 26 -38.17 7.19 -16.55
CA GLN B 26 -39.05 7.77 -15.55
C GLN B 26 -38.36 8.89 -14.73
N ASN B 27 -37.05 9.13 -14.91
CA ASN B 27 -36.29 10.06 -14.04
C ASN B 27 -36.48 9.74 -12.54
N GLN B 28 -36.28 8.47 -12.13
CA GLN B 28 -36.69 8.06 -10.79
C GLN B 28 -35.70 7.00 -10.15
N ILE B 29 -35.26 7.27 -8.90
CA ILE B 29 -34.38 6.35 -8.17
C ILE B 29 -35.27 5.19 -7.75
N ILE B 30 -34.93 3.97 -8.16
CA ILE B 30 -35.78 2.85 -7.84
C ILE B 30 -35.02 1.90 -6.90
N ALA B 31 -33.77 2.23 -6.57
CA ALA B 31 -33.07 1.54 -5.47
C ALA B 31 -31.96 2.42 -4.88
N ASP B 32 -31.84 2.37 -3.56
CA ASP B 32 -31.01 3.33 -2.87
C ASP B 32 -30.63 2.88 -1.47
N TYR B 33 -29.48 2.22 -1.38
CA TYR B 33 -29.04 1.53 -0.21
C TYR B 33 -27.57 1.87 -0.01
N ASN B 34 -27.28 2.44 1.16
CA ASN B 34 -26.01 3.08 1.47
C ASN B 34 -25.56 3.86 0.25
N GLY B 35 -26.52 4.37 -0.49
CA GLY B 35 -26.24 5.10 -1.78
C GLY B 35 -25.24 6.24 -1.66
N SER B 36 -25.02 6.66 -0.41
CA SER B 36 -24.24 7.86 -0.10
C SER B 36 -22.93 7.53 0.68
N THR B 37 -22.71 6.29 1.05
CA THR B 37 -21.45 5.93 1.69
C THR B 37 -20.22 5.90 0.73
N PHE B 38 -19.06 6.37 1.18
CA PHE B 38 -17.88 6.32 0.37
C PHE B 38 -17.41 4.86 0.44
N MET B 39 -17.05 4.28 -0.69
CA MET B 39 -16.51 2.94 -0.70
C MET B 39 -15.45 2.91 -1.76
N LEU B 40 -14.79 1.77 -1.79
CA LEU B 40 -13.75 1.47 -2.76
C LEU B 40 -14.47 1.10 -4.07
N PRO B 41 -14.25 1.88 -5.14
CA PRO B 41 -14.82 1.68 -6.50
C PRO B 41 -14.08 0.61 -7.34
N ALA B 42 -12.82 0.39 -6.98
CA ALA B 42 -11.97 -0.50 -7.74
C ALA B 42 -12.10 -0.07 -9.19
N SER B 43 -12.21 -1.06 -10.09
CA SER B 43 -12.01 -0.70 -11.48
C SER B 43 -13.20 0.04 -12.10
N THR B 44 -14.26 0.30 -11.34
CA THR B 44 -15.35 1.08 -11.86
C THR B 44 -14.92 2.52 -11.94
N GLN B 45 -13.87 2.84 -11.20
CA GLN B 45 -13.24 4.14 -11.37
C GLN B 45 -12.98 4.49 -12.83
N LYS B 46 -12.69 3.48 -13.68
CA LYS B 46 -12.30 3.84 -15.09
C LYS B 46 -13.46 4.55 -15.86
N VAL B 47 -14.68 4.25 -15.48
CA VAL B 47 -15.78 5.09 -15.96
C VAL B 47 -15.44 6.56 -15.96
N PHE B 48 -14.87 7.07 -14.89
CA PHE B 48 -14.51 8.50 -14.82
C PHE B 48 -13.38 8.89 -15.73
N THR B 49 -12.41 8.01 -15.84
CA THR B 49 -11.25 8.30 -16.66
C THR B 49 -11.71 8.27 -18.13
N ALA B 50 -12.53 7.29 -18.46
CA ALA B 50 -13.13 7.26 -19.80
C ALA B 50 -13.66 8.61 -20.12
N VAL B 51 -14.61 9.09 -19.32
CA VAL B 51 -15.33 10.30 -19.71
C VAL B 51 -14.35 11.42 -19.74
N ALA B 52 -13.38 11.41 -18.83
CA ALA B 52 -12.47 12.58 -18.85
C ALA B 52 -11.58 12.60 -20.09
N ALA B 53 -11.09 11.43 -20.50
CA ALA B 53 -10.30 11.34 -21.72
C ALA B 53 -11.08 11.89 -22.93
N LYS B 54 -12.27 11.32 -23.19
CA LYS B 54 -13.20 11.87 -24.18
C LYS B 54 -13.20 13.39 -24.21
N LEU B 55 -13.36 14.02 -23.03
CA LEU B 55 -13.59 15.45 -23.03
C LEU B 55 -12.31 16.22 -23.25
N ALA B 56 -11.23 15.81 -22.58
CA ALA B 56 -10.01 16.62 -22.65
C ALA B 56 -9.10 16.21 -23.78
N LEU B 57 -9.19 14.97 -24.25
CA LEU B 57 -8.24 14.48 -25.23
C LEU B 57 -8.88 14.35 -26.63
N GLY B 58 -10.10 13.82 -26.71
CA GLY B 58 -10.84 13.75 -27.98
C GLY B 58 -10.47 12.51 -28.78
N ASP B 59 -11.22 12.22 -29.84
CA ASP B 59 -11.03 10.99 -30.62
C ASP B 59 -9.71 10.86 -31.44
N GLN B 60 -9.24 11.97 -31.96
CA GLN B 60 -7.98 12.05 -32.65
C GLN B 60 -6.72 11.88 -31.82
N PHE B 61 -6.84 11.84 -30.48
CA PHE B 61 -5.65 11.75 -29.63
C PHE B 61 -4.97 10.39 -29.78
N GLN B 62 -3.66 10.41 -29.65
CA GLN B 62 -2.88 9.18 -29.77
C GLN B 62 -1.61 9.26 -28.96
N PHE B 63 -1.14 8.13 -28.45
CA PHE B 63 0.18 8.21 -27.80
C PHE B 63 1.34 8.21 -28.80
N GLU B 64 2.33 9.04 -28.54
CA GLU B 64 3.41 9.21 -29.48
C GLU B 64 4.74 8.76 -28.85
N THR B 65 5.39 7.75 -29.44
CA THR B 65 6.79 7.43 -29.15
C THR B 65 7.76 7.90 -30.25
N ALA B 66 8.80 8.68 -29.91
CA ALA B 66 9.58 9.44 -30.92
C ALA B 66 11.14 9.47 -30.87
N LEU B 67 11.79 9.20 -32.02
CA LEU B 67 13.24 9.37 -32.11
C LEU B 67 13.57 10.76 -32.55
N LEU B 68 14.63 11.32 -31.98
CA LEU B 68 15.05 12.68 -32.25
C LEU B 68 16.55 12.82 -32.06
N SER B 69 17.09 13.94 -32.53
CA SER B 69 18.48 14.30 -32.32
C SER B 69 18.72 15.76 -32.73
N ASN B 70 19.82 16.35 -32.25
CA ASN B 70 20.35 17.62 -32.78
C ASN B 70 21.60 17.42 -33.66
N GLY B 71 21.94 16.16 -33.94
CA GLY B 71 23.21 15.90 -34.60
C GLY B 71 23.07 16.11 -36.09
N LYS B 72 24.18 16.37 -36.77
CA LYS B 72 24.09 16.42 -38.22
C LYS B 72 24.30 14.99 -38.75
N ILE B 73 23.35 14.45 -39.53
CA ILE B 73 23.58 13.15 -40.15
C ILE B 73 24.67 13.27 -41.22
N GLN B 74 25.79 12.57 -41.05
CA GLN B 74 26.95 12.69 -41.96
C GLN B 74 26.99 11.61 -43.02
N ASN B 75 27.95 10.70 -42.94
CA ASN B 75 27.86 9.54 -43.79
C ASN B 75 27.76 8.31 -42.91
N GLY B 76 26.55 7.77 -42.83
CA GLY B 76 26.22 6.70 -41.90
C GLY B 76 26.17 7.25 -40.49
N ASN B 77 26.68 8.48 -40.33
CA ASN B 77 26.95 9.04 -39.00
C ASN B 77 25.88 9.91 -38.40
N LEU B 78 25.67 9.76 -37.09
CA LEU B 78 24.80 10.65 -36.35
C LEU B 78 25.58 11.40 -35.26
N ASP B 79 25.92 12.66 -35.55
CA ASP B 79 26.86 13.43 -34.72
C ASP B 79 26.22 14.21 -33.60
N GLY B 80 25.42 13.49 -32.81
CA GLY B 80 24.67 14.03 -31.69
C GLY B 80 24.10 12.83 -30.95
N ASN B 81 23.32 13.07 -29.89
CA ASN B 81 22.70 11.99 -29.14
C ASN B 81 21.52 11.33 -29.88
N LEU B 82 21.16 10.11 -29.49
CA LEU B 82 19.84 9.61 -29.83
C LEU B 82 18.98 9.77 -28.58
N ILE B 83 18.16 10.84 -28.57
CA ILE B 83 16.98 11.02 -27.69
C ILE B 83 15.79 10.16 -28.13
N VAL B 84 15.27 9.33 -27.21
CA VAL B 84 14.09 8.51 -27.50
C VAL B 84 12.96 8.94 -26.57
N SER B 85 11.90 9.48 -27.16
CA SER B 85 10.79 10.15 -26.44
C SER B 85 9.68 9.21 -26.06
N PHE B 86 9.43 8.97 -24.77
CA PHE B 86 8.32 8.10 -24.41
C PHE B 86 7.27 8.87 -23.67
N THR B 87 6.01 8.64 -24.05
CA THR B 87 4.91 9.41 -23.47
C THR B 87 3.77 8.57 -22.91
N GLY B 88 4.03 7.28 -22.65
CA GLY B 88 3.21 6.54 -21.74
C GLY B 88 2.36 5.63 -22.54
N ASP B 89 2.69 5.48 -23.81
CA ASP B 89 1.90 4.57 -24.60
C ASP B 89 1.73 3.30 -23.77
N PRO B 90 0.49 2.94 -23.39
CA PRO B 90 0.38 1.73 -22.61
C PRO B 90 0.41 0.45 -23.48
N ASP B 91 0.29 0.67 -24.77
CA ASP B 91 0.14 -0.34 -25.84
C ASP B 91 1.49 -0.75 -26.49
N LEU B 92 2.49 0.12 -26.47
CA LEU B 92 3.76 -0.14 -27.15
C LEU B 92 4.34 -1.56 -26.94
N THR B 93 4.55 -2.27 -28.05
CA THR B 93 5.28 -3.57 -28.05
C THR B 93 6.79 -3.42 -28.35
N ARG B 94 7.53 -4.43 -27.92
CA ARG B 94 8.92 -4.60 -28.32
C ARG B 94 9.01 -4.54 -29.85
N GLY B 95 8.22 -5.39 -30.51
CA GLY B 95 7.94 -5.26 -31.95
C GLY B 95 7.86 -3.84 -32.49
N GLN B 96 7.03 -2.98 -31.91
CA GLN B 96 6.86 -1.68 -32.55
C GLN B 96 8.05 -0.74 -32.31
N LEU B 97 8.69 -0.92 -31.17
CA LEU B 97 9.83 -0.07 -30.83
C LEU B 97 10.96 -0.41 -31.81
N TYR B 98 11.17 -1.69 -32.02
CA TYR B 98 12.17 -2.12 -32.97
C TYR B 98 11.92 -1.40 -34.29
N SER B 99 10.68 -1.52 -34.80
CA SER B 99 10.30 -0.91 -36.09
C SER B 99 10.62 0.53 -36.10
N LEU B 100 10.45 1.21 -34.97
CA LEU B 100 10.77 2.67 -34.89
C LEU B 100 12.30 2.89 -34.95
N LEU B 101 13.02 1.86 -34.51
CA LEU B 101 14.45 2.01 -34.44
C LEU B 101 14.96 1.80 -35.89
N ALA B 102 14.31 0.89 -36.60
CA ALA B 102 14.50 0.73 -38.06
C ALA B 102 14.46 2.01 -38.91
N GLU B 103 13.58 2.97 -38.60
CA GLU B 103 13.56 4.17 -39.44
C GLU B 103 14.90 4.85 -39.40
N LEU B 104 15.77 4.38 -38.53
CA LEU B 104 17.06 5.04 -38.41
C LEU B 104 18.02 4.57 -39.51
N LYS B 105 17.78 3.36 -40.03
CA LYS B 105 18.57 2.82 -41.09
C LYS B 105 18.07 3.50 -42.33
N LYS B 106 16.88 3.08 -42.75
CA LYS B 106 16.33 3.60 -43.97
C LYS B 106 16.77 5.03 -44.15
N GLN B 107 16.99 5.79 -43.07
CA GLN B 107 17.52 7.15 -43.25
C GLN B 107 19.05 7.25 -43.42
N GLY B 108 19.73 6.11 -43.47
CA GLY B 108 21.19 6.10 -43.63
C GLY B 108 22.09 6.01 -42.40
N ILE B 109 21.52 5.88 -41.21
CA ILE B 109 22.38 5.95 -40.00
C ILE B 109 22.97 4.57 -39.70
N LYS B 110 24.30 4.51 -39.62
CA LYS B 110 25.02 3.25 -39.46
C LYS B 110 25.55 3.21 -38.06
N LYS B 111 25.91 4.39 -37.61
CA LYS B 111 26.68 4.55 -36.42
C LYS B 111 26.05 5.79 -35.82
N ILE B 112 25.59 5.68 -34.58
CA ILE B 112 25.16 6.82 -33.81
C ILE B 112 26.41 7.25 -33.09
N ASN B 113 26.73 8.53 -33.12
CA ASN B 113 27.94 9.05 -32.46
C ASN B 113 27.88 9.33 -30.96
N GLY B 114 26.91 10.13 -30.52
CA GLY B 114 26.87 10.55 -29.13
C GLY B 114 26.23 9.52 -28.21
N ASP B 115 25.43 10.03 -27.27
CA ASP B 115 24.88 9.21 -26.19
C ASP B 115 23.45 8.81 -26.50
N LEU B 116 22.91 7.85 -25.77
CA LEU B 116 21.47 7.53 -25.83
C LEU B 116 20.69 8.27 -24.71
N VAL B 117 19.90 9.29 -25.10
CA VAL B 117 19.11 10.09 -24.14
C VAL B 117 17.63 9.67 -24.08
N LEU B 118 17.13 9.39 -22.88
CA LEU B 118 15.73 8.90 -22.66
C LEU B 118 14.87 10.00 -22.05
N ASP B 119 13.78 10.33 -22.73
CA ASP B 119 12.96 11.45 -22.30
C ASP B 119 11.62 11.00 -21.74
N THR B 120 11.31 11.50 -20.53
CA THR B 120 10.07 11.27 -19.74
C THR B 120 9.31 12.55 -19.22
N SER B 121 8.01 12.39 -18.89
CA SER B 121 7.05 13.55 -18.73
C SER B 121 5.68 13.19 -18.12
N VAL B 122 5.66 12.04 -17.48
CA VAL B 122 4.82 11.75 -16.35
C VAL B 122 5.85 11.76 -15.19
N PHE B 123 5.41 11.91 -13.94
CA PHE B 123 6.34 12.11 -12.79
C PHE B 123 7.01 10.83 -12.26
N PRO B 144 1.38 -2.13 -13.95
CA PRO B 144 1.56 -0.78 -13.39
C PRO B 144 2.52 -0.02 -14.32
N PRO B 145 2.20 1.26 -14.67
CA PRO B 145 2.75 1.82 -15.92
C PRO B 145 3.40 3.20 -15.82
N ALA B 146 4.28 3.50 -16.77
CA ALA B 146 5.12 4.66 -16.67
C ALA B 146 5.32 5.26 -18.04
N ALA B 147 6.18 6.26 -18.15
CA ALA B 147 6.54 6.84 -19.42
C ALA B 147 6.82 5.75 -20.47
N ALA B 148 7.74 4.84 -20.12
CA ALA B 148 8.30 3.86 -21.05
C ALA B 148 7.70 2.54 -20.78
N ASN B 149 6.58 2.21 -21.38
CA ASN B 149 5.99 0.88 -21.27
C ASN B 149 6.43 0.08 -22.48
N ILE B 150 6.77 -1.19 -22.27
CA ILE B 150 7.14 -2.05 -23.35
C ILE B 150 6.56 -3.36 -23.02
N ASP B 151 5.57 -3.78 -23.80
CA ASP B 151 5.04 -5.14 -23.61
C ASP B 151 4.42 -5.24 -22.23
N ASN B 152 3.45 -4.37 -21.95
CA ASN B 152 2.78 -4.36 -20.66
C ASN B 152 3.80 -4.24 -19.52
N ASN B 153 5.03 -3.77 -19.83
CA ASN B 153 6.07 -3.77 -18.80
C ASN B 153 6.06 -5.00 -17.93
N CYS B 154 5.83 -6.23 -18.41
CA CYS B 154 6.19 -7.34 -17.49
C CYS B 154 6.97 -8.55 -18.09
N PHE B 155 7.41 -9.48 -17.27
CA PHE B 155 8.17 -10.63 -17.75
C PHE B 155 7.94 -11.87 -16.93
N TYR B 156 8.55 -12.98 -17.31
CA TYR B 156 8.39 -14.19 -16.52
C TYR B 156 9.73 -14.89 -16.33
N ALA B 157 9.82 -15.73 -15.33
CA ALA B 157 10.97 -16.60 -15.19
C ALA B 157 10.43 -18.03 -15.19
N GLU B 158 11.34 -19.01 -15.33
CA GLU B 158 11.02 -20.42 -15.53
C GLU B 158 11.41 -21.15 -14.27
N LEU B 159 10.44 -21.75 -13.61
CA LEU B 159 10.77 -22.48 -12.42
C LEU B 159 10.66 -23.97 -12.64
N ASP B 160 11.61 -24.69 -12.07
CA ASP B 160 11.53 -26.15 -12.05
C ASP B 160 11.35 -26.53 -10.60
N ALA B 161 10.15 -26.99 -10.27
CA ALA B 161 9.83 -27.38 -8.89
C ALA B 161 9.49 -28.84 -8.77
N ASN B 162 9.99 -29.66 -9.69
CA ASN B 162 9.86 -31.08 -9.46
C ASN B 162 11.10 -31.60 -8.77
N LYS B 163 11.27 -31.23 -7.51
CA LYS B 163 12.41 -31.72 -6.77
C LYS B 163 11.89 -32.38 -5.51
N ASN B 164 12.82 -32.80 -4.65
CA ASN B 164 12.48 -33.24 -3.31
C ASN B 164 11.96 -32.11 -2.45
N PRO B 165 11.05 -32.45 -1.53
CA PRO B 165 10.73 -31.46 -0.49
C PRO B 165 12.00 -31.05 0.27
N GLY B 166 12.14 -29.76 0.58
CA GLY B 166 13.38 -29.21 1.12
C GLY B 166 14.53 -29.49 0.15
N GLU B 167 14.62 -28.63 -0.88
CA GLU B 167 15.62 -28.73 -1.92
C GLU B 167 15.36 -27.57 -2.86
N ILE B 168 16.41 -26.94 -3.38
CA ILE B 168 16.27 -25.69 -4.16
C ILE B 168 15.59 -25.80 -5.53
N VAL B 169 14.82 -24.78 -5.87
CA VAL B 169 14.08 -24.76 -7.10
C VAL B 169 14.89 -24.03 -8.13
N LYS B 170 15.01 -24.62 -9.31
CA LYS B 170 15.83 -24.08 -10.36
C LYS B 170 15.03 -23.01 -11.11
N ILE B 171 15.67 -21.88 -11.42
CA ILE B 171 14.99 -20.72 -11.99
C ILE B 171 15.75 -20.11 -13.15
N ASN B 172 15.08 -19.83 -14.29
CA ASN B 172 15.79 -19.29 -15.44
C ASN B 172 15.15 -18.05 -15.95
N VAL B 173 15.96 -17.17 -16.51
CA VAL B 173 15.40 -15.97 -17.06
C VAL B 173 15.51 -15.93 -18.61
N PRO B 174 14.41 -16.22 -19.31
CA PRO B 174 14.50 -16.12 -20.74
C PRO B 174 15.42 -15.01 -21.16
N ALA B 175 16.17 -15.28 -22.22
CA ALA B 175 17.27 -14.47 -22.64
C ALA B 175 16.79 -13.14 -23.13
N GLN B 176 15.56 -13.07 -23.54
CA GLN B 176 15.05 -11.80 -24.03
C GLN B 176 14.80 -10.72 -22.92
N PHE B 177 14.89 -11.10 -21.65
CA PHE B 177 14.69 -10.12 -20.55
C PHE B 177 15.96 -9.67 -19.81
N PRO B 178 16.32 -8.36 -19.90
CA PRO B 178 17.40 -7.78 -19.12
C PRO B 178 17.10 -7.72 -17.60
N ILE B 179 17.07 -8.89 -16.95
CA ILE B 179 16.59 -9.05 -15.59
C ILE B 179 17.51 -9.98 -14.86
N GLN B 180 17.70 -9.80 -13.54
CA GLN B 180 18.22 -10.85 -12.68
C GLN B 180 17.17 -11.36 -11.70
N VAL B 181 17.18 -12.67 -11.51
CA VAL B 181 16.42 -13.26 -10.47
C VAL B 181 17.39 -14.08 -9.64
N PHE B 182 17.74 -13.58 -8.47
CA PHE B 182 18.59 -14.31 -7.56
C PHE B 182 17.78 -14.66 -6.33
N GLY B 183 18.47 -14.99 -5.23
CA GLY B 183 17.81 -15.60 -4.09
C GLY B 183 17.60 -17.08 -4.34
N GLN B 184 16.83 -17.73 -3.48
CA GLN B 184 16.75 -19.17 -3.50
C GLN B 184 15.49 -19.65 -2.79
N VAL B 185 14.67 -20.36 -3.56
CA VAL B 185 13.37 -20.87 -3.13
C VAL B 185 13.42 -22.39 -3.07
N TYR B 186 13.44 -22.96 -1.85
CA TYR B 186 13.41 -24.43 -1.62
C TYR B 186 12.03 -25.10 -1.90
N VAL B 187 11.97 -26.43 -1.94
CA VAL B 187 10.67 -27.08 -2.15
C VAL B 187 9.94 -27.44 -0.86
N ALA B 188 8.62 -27.33 -0.93
CA ALA B 188 7.73 -27.38 0.24
C ALA B 188 7.28 -28.80 0.59
N ASP B 189 7.94 -29.35 1.62
CA ASP B 189 7.66 -30.66 2.21
C ASP B 189 6.20 -30.93 2.57
N SER B 190 5.28 -30.38 1.77
CA SER B 190 3.84 -30.59 1.95
C SER B 190 3.41 -30.75 3.43
N ASN B 191 4.39 -31.11 4.26
CA ASN B 191 4.35 -30.95 5.73
C ASN B 191 4.18 -29.45 6.03
N GLU B 192 3.78 -28.67 5.02
CA GLU B 192 3.86 -27.22 5.11
C GLU B 192 3.70 -26.42 3.82
N ALA B 193 3.04 -27.01 2.79
CA ALA B 193 2.59 -26.23 1.62
C ALA B 193 1.40 -25.36 2.04
N PRO B 194 1.26 -25.17 3.36
CA PRO B 194 0.44 -24.13 4.03
C PRO B 194 1.30 -22.91 4.40
N TYR B 195 2.21 -23.11 5.37
CA TYR B 195 3.15 -22.10 5.90
C TYR B 195 4.15 -21.54 4.87
N CYS B 196 3.66 -21.07 3.73
CA CYS B 196 4.57 -20.86 2.62
C CYS B 196 4.08 -19.86 1.60
N GLN B 197 4.76 -18.74 1.51
CA GLN B 197 4.69 -17.95 0.28
C GLN B 197 6.07 -17.71 -0.29
N LEU B 198 6.07 -16.88 -1.32
CA LEU B 198 7.20 -16.62 -2.14
C LEU B 198 7.52 -15.12 -2.01
N ASP B 199 8.55 -14.78 -1.24
CA ASP B 199 8.88 -13.38 -1.05
C ASP B 199 9.71 -12.84 -2.22
N VAL B 200 9.27 -11.73 -2.79
CA VAL B 200 10.04 -11.03 -3.80
C VAL B 200 10.32 -9.59 -3.53
N VAL B 201 11.59 -9.29 -3.38
CA VAL B 201 12.05 -7.94 -3.11
C VAL B 201 12.86 -7.46 -4.31
N VAL B 202 12.64 -6.24 -4.76
CA VAL B 202 13.35 -5.75 -5.89
C VAL B 202 14.63 -5.01 -5.48
N HIS B 203 15.72 -5.07 -6.25
CA HIS B 203 16.87 -4.25 -5.91
C HIS B 203 17.22 -3.35 -7.12
N ASP B 204 18.15 -2.41 -6.98
CA ASP B 204 18.59 -1.57 -8.09
C ASP B 204 18.70 -2.35 -9.42
N ASN B 205 18.30 -1.71 -10.50
CA ASN B 205 18.42 -2.29 -11.85
C ASN B 205 17.78 -3.64 -12.13
N ASN B 206 16.53 -3.78 -11.73
CA ASN B 206 15.72 -4.94 -12.05
C ASN B 206 16.37 -6.23 -11.63
N ARG B 207 17.06 -6.19 -10.50
CA ARG B 207 17.50 -7.42 -9.83
C ARG B 207 16.44 -7.85 -8.81
N TYR B 208 15.81 -9.01 -9.02
CA TYR B 208 14.74 -9.52 -8.16
C TYR B 208 15.18 -10.65 -7.33
N GLN B 209 15.01 -10.48 -6.02
CA GLN B 209 15.39 -11.51 -5.08
C GLN B 209 14.17 -12.33 -4.64
N VAL B 210 14.29 -13.66 -4.61
CA VAL B 210 13.16 -14.52 -4.27
C VAL B 210 13.42 -15.35 -2.99
N LYS B 211 12.38 -15.62 -2.20
CA LYS B 211 12.54 -16.43 -0.98
C LYS B 211 11.28 -17.18 -0.54
N GLY B 212 11.48 -18.17 0.31
CA GLY B 212 10.35 -18.98 0.79
C GLY B 212 10.26 -20.38 0.20
N CYS B 213 9.16 -20.66 -0.50
CA CYS B 213 8.99 -21.98 -1.12
C CYS B 213 7.76 -22.09 -1.96
N LEU B 214 7.69 -23.22 -2.68
CA LEU B 214 6.48 -23.67 -3.35
C LEU B 214 6.22 -25.13 -3.03
N ALA B 215 5.06 -25.63 -3.50
CA ALA B 215 4.72 -27.06 -3.40
C ALA B 215 5.30 -27.79 -4.61
N ARG B 216 5.72 -29.03 -4.38
CA ARG B 216 6.24 -29.87 -5.45
C ARG B 216 5.31 -29.81 -6.66
N GLN B 217 5.88 -29.66 -7.84
CA GLN B 217 5.08 -29.64 -9.03
C GLN B 217 5.85 -30.35 -10.14
N TYR B 218 5.14 -31.04 -11.02
CA TYR B 218 5.81 -31.90 -11.97
C TYR B 218 6.25 -31.08 -13.18
N LYS B 219 5.32 -30.50 -13.93
CA LYS B 219 5.67 -29.73 -15.12
C LYS B 219 6.56 -28.50 -14.79
N PRO B 220 7.26 -27.98 -15.80
CA PRO B 220 7.96 -26.71 -15.55
C PRO B 220 6.93 -25.59 -15.72
N PHE B 221 7.17 -24.41 -15.13
CA PHE B 221 6.23 -23.29 -15.28
C PHE B 221 6.80 -21.82 -15.25
N GLY B 222 5.88 -20.85 -15.38
CA GLY B 222 6.24 -19.42 -15.41
C GLY B 222 5.74 -18.56 -14.23
N LEU B 223 6.63 -17.79 -13.61
CA LEU B 223 6.21 -16.78 -12.65
C LEU B 223 6.25 -15.44 -13.36
N SER B 224 5.14 -14.74 -13.46
CA SER B 224 5.19 -13.38 -14.03
C SER B 224 5.56 -12.33 -13.00
N PHE B 225 6.08 -11.18 -13.48
CA PHE B 225 6.64 -10.10 -12.63
C PHE B 225 6.47 -8.75 -13.27
N ALA B 226 6.16 -7.71 -12.49
CA ALA B 226 6.32 -6.35 -13.06
C ALA B 226 7.79 -5.96 -13.08
N VAL B 227 8.10 -5.09 -14.02
CA VAL B 227 9.40 -4.54 -14.24
C VAL B 227 9.41 -3.32 -13.37
N GLN B 228 10.45 -3.13 -12.56
CA GLN B 228 10.40 -1.95 -11.72
C GLN B 228 11.18 -0.82 -12.33
N ASN B 229 12.43 -1.03 -12.69
CA ASN B 229 13.06 0.12 -13.27
C ASN B 229 12.75 0.09 -14.79
N THR B 230 11.80 0.92 -15.23
CA THR B 230 11.35 0.78 -16.61
C THR B 230 12.25 1.62 -17.52
N ASP B 231 12.71 2.73 -16.99
CA ASP B 231 13.74 3.45 -17.67
C ASP B 231 14.86 2.50 -18.13
N ALA B 232 15.47 1.81 -17.17
CA ALA B 232 16.65 1.01 -17.43
C ALA B 232 16.27 -0.21 -18.32
N TYR B 233 15.12 -0.80 -18.05
CA TYR B 233 14.66 -1.90 -18.86
C TYR B 233 14.58 -1.48 -20.31
N ALA B 234 14.24 -0.22 -20.53
CA ALA B 234 14.00 0.22 -21.86
C ALA B 234 15.27 0.66 -22.54
N ALA B 235 16.23 1.18 -21.79
CA ALA B 235 17.54 1.48 -22.38
C ALA B 235 18.27 0.20 -22.70
N ALA B 236 18.15 -0.80 -21.86
CA ALA B 236 18.78 -2.07 -22.19
C ALA B 236 18.16 -2.62 -23.47
N ILE B 237 16.84 -2.76 -23.49
CA ILE B 237 16.21 -3.28 -24.68
C ILE B 237 16.57 -2.51 -25.95
N ILE B 238 16.53 -1.19 -25.89
CA ILE B 238 16.90 -0.41 -27.04
C ILE B 238 18.30 -0.79 -27.52
N GLN B 239 19.26 -0.94 -26.61
CA GLN B 239 20.61 -1.28 -27.03
C GLN B 239 20.69 -2.68 -27.64
N ARG B 240 19.96 -3.67 -27.12
CA ARG B 240 19.96 -4.90 -27.83
C ARG B 240 19.49 -4.51 -29.26
N GLN B 241 18.48 -3.69 -29.32
CA GLN B 241 17.88 -3.40 -30.59
C GLN B 241 18.81 -2.70 -31.62
N LEU B 242 19.64 -1.73 -31.22
CA LEU B 242 20.47 -1.08 -32.23
C LEU B 242 21.54 -2.03 -32.81
N ARG B 243 22.06 -2.88 -31.92
CA ARG B 243 22.84 -4.04 -32.33
C ARG B 243 22.13 -4.92 -33.33
N LYS B 244 20.99 -5.48 -32.99
CA LYS B 244 20.35 -6.38 -33.96
C LYS B 244 20.20 -5.71 -35.32
N LEU B 245 20.16 -4.38 -35.34
CA LEU B 245 19.98 -3.64 -36.57
C LEU B 245 21.32 -3.25 -37.19
N GLY B 246 22.43 -3.54 -36.49
CA GLY B 246 23.70 -3.10 -37.03
C GLY B 246 23.92 -1.60 -36.98
N ILE B 247 23.31 -0.90 -36.03
CA ILE B 247 23.61 0.53 -35.81
C ILE B 247 24.59 0.71 -34.66
N GLU B 248 25.76 1.26 -34.93
CA GLU B 248 26.83 1.18 -33.97
C GLU B 248 26.65 2.26 -32.93
N PHE B 249 26.26 1.86 -31.74
CA PHE B 249 26.19 2.82 -30.64
C PHE B 249 27.26 2.50 -29.59
N ASN B 250 27.99 3.51 -29.17
CA ASN B 250 29.04 3.27 -28.19
C ASN B 250 28.97 4.23 -26.99
N GLY B 251 27.85 4.93 -26.84
CA GLY B 251 27.78 6.00 -25.84
C GLY B 251 27.24 5.57 -24.47
N LYS B 252 26.96 6.58 -23.63
CA LYS B 252 26.24 6.39 -22.34
C LYS B 252 24.72 6.37 -22.49
N VAL B 253 24.04 6.22 -21.35
CA VAL B 253 22.59 6.38 -21.26
C VAL B 253 22.27 7.51 -20.30
N LEU B 254 21.69 8.60 -20.79
CA LEU B 254 21.29 9.66 -19.90
C LEU B 254 19.78 9.62 -19.65
N LEU B 255 19.40 9.85 -18.39
CA LEU B 255 18.00 9.85 -18.00
C LEU B 255 17.69 11.20 -17.42
N PRO B 256 17.68 12.24 -18.27
CA PRO B 256 17.47 13.59 -17.81
C PRO B 256 16.09 13.72 -17.21
N GLN B 257 15.85 14.83 -16.54
CA GLN B 257 14.58 15.04 -15.90
C GLN B 257 13.77 16.02 -16.76
N LYS B 258 14.42 16.71 -17.70
CA LYS B 258 13.74 17.77 -18.49
C LYS B 258 13.25 17.30 -19.87
N PRO B 259 12.25 17.98 -20.45
CA PRO B 259 12.06 17.57 -21.84
C PRO B 259 13.30 17.91 -22.67
N GLN B 260 13.57 17.10 -23.70
CA GLN B 260 14.78 17.22 -24.48
C GLN B 260 14.45 17.80 -25.85
N GLN B 261 15.01 18.99 -26.13
CA GLN B 261 14.77 19.62 -27.42
C GLN B 261 15.67 19.00 -28.48
N GLY B 262 15.04 18.51 -29.54
CA GLY B 262 15.75 17.85 -30.63
C GLY B 262 14.94 17.97 -31.91
N GLN B 263 15.40 17.36 -32.98
CA GLN B 263 14.68 17.40 -34.24
C GLN B 263 13.99 16.08 -34.58
N LEU B 264 12.69 16.13 -34.77
CA LEU B 264 11.93 14.93 -35.09
C LEU B 264 12.58 14.11 -36.20
N LEU B 265 13.09 12.93 -35.87
CA LEU B 265 13.67 12.04 -36.86
C LEU B 265 12.67 11.00 -37.28
N ALA B 266 11.74 10.70 -36.38
CA ALA B 266 10.78 9.62 -36.60
C ALA B 266 9.81 9.47 -35.43
N LYS B 267 8.71 8.76 -35.67
CA LYS B 267 7.70 8.72 -34.65
C LYS B 267 6.82 7.51 -34.83
N HIS B 268 6.23 7.08 -33.71
CA HIS B 268 5.32 5.95 -33.66
C HIS B 268 4.04 6.38 -32.90
N LEU B 269 2.88 5.96 -33.40
CA LEU B 269 1.58 6.44 -32.92
C LEU B 269 0.77 5.27 -32.50
N SER B 270 0.16 5.39 -31.32
CA SER B 270 -0.71 4.35 -30.77
C SER B 270 -1.98 4.27 -31.60
N LYS B 271 -2.73 3.19 -31.45
CA LYS B 271 -4.13 3.30 -31.82
C LYS B 271 -4.71 4.55 -31.14
N PRO B 272 -5.85 5.05 -31.67
CA PRO B 272 -6.41 6.33 -31.12
C PRO B 272 -7.48 6.13 -30.01
N LEU B 273 -7.81 7.24 -29.36
CA LEU B 273 -8.71 7.16 -28.16
C LEU B 273 -9.85 6.09 -28.24
N PRO B 274 -10.56 6.02 -29.37
CA PRO B 274 -11.69 5.11 -29.19
C PRO B 274 -11.25 3.66 -28.99
N ASP B 275 -10.13 3.26 -29.58
CA ASP B 275 -9.72 1.88 -29.41
C ASP B 275 -9.17 1.68 -28.03
N LEU B 276 -8.30 2.59 -27.60
CA LEU B 276 -7.77 2.64 -26.22
C LEU B 276 -8.92 2.49 -25.15
N LEU B 277 -9.90 3.39 -25.20
CA LEU B 277 -11.07 3.33 -24.33
C LEU B 277 -11.88 2.03 -24.50
N LYS B 278 -11.99 1.54 -25.73
CA LYS B 278 -12.69 0.25 -25.90
C LYS B 278 -11.96 -0.90 -25.15
N LYS B 279 -10.64 -0.89 -25.22
CA LYS B 279 -9.85 -1.94 -24.58
C LYS B 279 -9.91 -1.78 -23.02
N MET B 280 -9.62 -0.57 -22.52
CA MET B 280 -9.73 -0.27 -21.08
C MET B 280 -11.01 -0.79 -20.50
N MET B 281 -12.12 -0.32 -21.05
CA MET B 281 -13.44 -0.67 -20.56
C MET B 281 -13.82 -2.13 -20.70
N LYS B 282 -13.60 -2.70 -21.85
CA LYS B 282 -14.06 -4.06 -22.04
C LYS B 282 -13.25 -4.98 -21.18
N LYS B 283 -11.96 -4.75 -21.17
CA LYS B 283 -11.05 -5.68 -20.55
C LYS B 283 -10.57 -5.30 -19.13
N SER B 284 -10.73 -4.02 -18.78
CA SER B 284 -10.25 -3.53 -17.52
C SER B 284 -8.73 -3.51 -17.44
N ASP B 285 -8.14 -2.93 -18.46
CA ASP B 285 -6.72 -2.68 -18.52
C ASP B 285 -6.28 -1.51 -17.68
N ASN B 286 -5.50 -1.79 -16.63
CA ASN B 286 -5.07 -0.71 -15.70
C ASN B 286 -4.13 0.26 -16.31
N GLN B 287 -3.39 -0.18 -17.31
CA GLN B 287 -2.32 0.67 -17.74
C GLN B 287 -2.84 1.71 -18.62
N ILE B 288 -3.84 1.37 -19.45
CA ILE B 288 -4.50 2.38 -20.25
C ILE B 288 -5.15 3.48 -19.37
N ALA B 289 -5.86 3.02 -18.32
CA ALA B 289 -6.55 3.92 -17.36
C ALA B 289 -5.56 4.88 -16.73
N ASP B 290 -4.48 4.33 -16.20
CA ASP B 290 -3.57 5.14 -15.46
C ASP B 290 -2.65 5.88 -16.30
N SER B 291 -2.48 5.51 -17.58
CA SER B 291 -1.71 6.42 -18.43
C SER B 291 -2.61 7.50 -18.98
N LEU B 292 -3.85 7.13 -19.29
CA LEU B 292 -4.80 8.15 -19.78
C LEU B 292 -5.04 9.26 -18.75
N PHE B 293 -5.31 8.83 -17.51
CA PHE B 293 -5.38 9.65 -16.32
C PHE B 293 -4.30 10.72 -16.37
N ARG B 294 -3.05 10.26 -16.36
CA ARG B 294 -1.94 11.20 -16.43
C ARG B 294 -1.82 11.95 -17.76
N ALA B 295 -2.16 11.33 -18.89
CA ALA B 295 -2.14 12.10 -20.15
C ALA B 295 -3.13 13.25 -20.10
N VAL B 296 -4.23 13.01 -19.38
CA VAL B 296 -5.24 14.04 -19.22
C VAL B 296 -4.67 15.23 -18.49
N ALA B 297 -3.83 14.97 -17.51
CA ALA B 297 -3.27 16.06 -16.74
C ALA B 297 -2.23 16.79 -17.58
N PHE B 298 -1.31 16.02 -18.15
CA PHE B 298 -0.27 16.62 -18.99
C PHE B 298 -0.87 17.57 -20.00
N ASN B 299 -2.01 17.21 -20.57
CA ASN B 299 -2.64 18.14 -21.52
C ASN B 299 -3.44 19.30 -20.90
N TYR B 300 -4.21 19.02 -19.87
CA TYR B 300 -4.96 20.07 -19.26
C TYR B 300 -4.05 21.10 -18.64
N TYR B 301 -2.87 20.66 -18.20
CA TYR B 301 -2.01 21.50 -17.43
C TYR B 301 -0.74 21.88 -18.16
N LYS B 302 -0.39 21.14 -19.21
CA LYS B 302 0.76 21.53 -20.02
C LYS B 302 2.07 21.36 -19.30
N ARG B 303 2.20 20.36 -18.43
CA ARG B 303 3.47 20.14 -17.70
C ARG B 303 3.52 18.71 -17.14
N PRO B 304 4.73 18.21 -16.80
CA PRO B 304 4.86 16.82 -16.25
C PRO B 304 3.76 16.49 -15.25
N ALA B 305 3.33 15.24 -15.30
CA ALA B 305 2.11 14.75 -14.66
C ALA B 305 2.27 13.74 -13.50
N SER B 306 1.89 14.15 -12.30
CA SER B 306 1.74 13.23 -11.15
C SER B 306 0.35 12.57 -11.19
N PHE B 307 0.11 11.58 -10.34
CA PHE B 307 -1.27 11.21 -10.05
C PHE B 307 -2.12 12.36 -9.45
N GLN B 308 -1.54 13.15 -8.54
CA GLN B 308 -2.28 14.30 -7.93
C GLN B 308 -2.70 15.24 -9.03
N LEU B 309 -1.79 15.51 -9.98
CA LEU B 309 -2.14 16.43 -11.05
C LEU B 309 -3.32 15.81 -11.78
N GLY B 310 -3.38 14.49 -11.80
CA GLY B 310 -4.40 13.74 -12.52
C GLY B 310 -5.72 13.85 -11.83
N THR B 311 -5.69 13.78 -10.50
CA THR B 311 -6.92 14.05 -9.74
C THR B 311 -7.45 15.44 -10.04
N LEU B 312 -6.61 16.44 -9.83
CA LEU B 312 -7.06 17.82 -10.13
C LEU B 312 -7.72 17.91 -11.49
N ALA B 313 -7.10 17.33 -12.51
CA ALA B 313 -7.55 17.66 -13.85
C ALA B 313 -8.80 16.89 -14.19
N VAL B 314 -8.96 15.69 -13.66
CA VAL B 314 -10.14 14.87 -13.98
C VAL B 314 -11.42 15.33 -13.25
N LYS B 315 -11.31 15.60 -11.94
CA LYS B 315 -12.39 16.32 -11.24
C LYS B 315 -12.73 17.65 -11.98
N SER B 316 -11.72 18.46 -12.29
CA SER B 316 -12.07 19.80 -12.78
C SER B 316 -12.90 19.68 -14.06
N ILE B 317 -12.52 18.72 -14.89
CA ILE B 317 -13.14 18.55 -16.18
C ILE B 317 -14.49 17.88 -16.12
N LEU B 318 -14.67 16.91 -15.22
CA LEU B 318 -15.99 16.40 -15.08
C LEU B 318 -16.86 17.50 -14.36
N GLN B 319 -16.23 18.34 -13.55
CA GLN B 319 -16.97 19.40 -12.85
C GLN B 319 -17.47 20.44 -13.83
N LYS B 320 -16.76 20.67 -14.93
CA LYS B 320 -17.28 21.60 -15.90
C LYS B 320 -18.51 21.00 -16.55
N GLN B 321 -18.76 19.72 -16.40
CA GLN B 321 -19.97 19.19 -17.02
C GLN B 321 -21.12 19.11 -16.04
N GLY B 322 -20.92 19.46 -14.76
CA GLY B 322 -22.02 19.40 -13.80
C GLY B 322 -21.94 18.17 -12.93
N ILE B 323 -20.81 17.48 -12.95
CA ILE B 323 -20.65 16.39 -12.06
C ILE B 323 -20.11 16.90 -10.77
N ARG B 324 -20.79 16.51 -9.71
CA ARG B 324 -20.42 16.97 -8.38
C ARG B 324 -19.81 15.81 -7.63
N PHE B 325 -18.58 16.05 -7.19
CA PHE B 325 -17.80 15.07 -6.43
C PHE B 325 -17.71 15.24 -4.90
N GLY B 326 -18.10 16.37 -4.35
CA GLY B 326 -18.10 16.49 -2.89
C GLY B 326 -16.66 16.31 -2.48
N ASN B 327 -16.38 15.45 -1.50
CA ASN B 327 -15.05 15.15 -1.00
C ASN B 327 -14.63 13.74 -1.38
N SER B 328 -15.20 13.30 -2.51
CA SER B 328 -14.77 12.07 -3.14
C SER B 328 -13.25 12.07 -3.22
N ILE B 329 -12.63 10.90 -3.04
CA ILE B 329 -11.21 10.78 -3.34
C ILE B 329 -10.90 9.88 -4.58
N LEU B 330 -10.45 10.51 -5.66
CA LEU B 330 -10.11 9.91 -6.96
C LEU B 330 -8.59 9.85 -7.03
N ALA B 331 -8.00 8.77 -6.51
CA ALA B 331 -6.53 8.76 -6.38
C ALA B 331 -5.77 8.24 -7.61
N ASP B 332 -6.44 7.50 -8.52
CA ASP B 332 -5.76 7.06 -9.71
C ASP B 332 -6.78 6.92 -10.83
N GLY B 333 -6.34 6.52 -12.00
CA GLY B 333 -7.26 6.36 -13.14
C GLY B 333 -7.93 5.01 -13.17
N SER B 334 -7.27 3.99 -12.63
CA SER B 334 -7.80 2.61 -12.72
C SER B 334 -8.55 2.16 -11.50
N GLY B 335 -8.45 2.91 -10.41
CA GLY B 335 -9.11 2.54 -9.19
C GLY B 335 -8.42 1.45 -8.40
N LEU B 336 -7.21 1.03 -8.77
CA LEU B 336 -6.45 0.13 -7.88
C LEU B 336 -6.28 0.67 -6.46
N SER B 337 -5.93 1.94 -6.32
CA SER B 337 -5.56 2.44 -4.97
C SER B 337 -6.58 2.26 -3.80
N ARG B 338 -6.10 1.79 -2.65
CA ARG B 338 -6.99 1.63 -1.46
C ARG B 338 -7.41 2.97 -0.77
N HIS B 339 -6.95 4.09 -1.33
CA HIS B 339 -7.31 5.43 -0.89
C HIS B 339 -8.46 6.03 -1.68
N ASN B 340 -8.93 5.36 -2.73
CA ASN B 340 -10.09 5.87 -3.46
C ASN B 340 -11.26 5.81 -2.54
N LEU B 341 -12.04 6.87 -2.52
CA LEU B 341 -13.27 6.96 -1.78
C LEU B 341 -14.30 7.69 -2.65
N VAL B 342 -15.40 6.97 -3.01
CA VAL B 342 -16.51 7.55 -3.81
C VAL B 342 -17.82 6.90 -3.52
N ALA B 343 -18.93 7.62 -3.64
CA ALA B 343 -20.21 7.01 -3.32
C ALA B 343 -20.96 6.54 -4.53
N PRO B 344 -21.70 5.43 -4.40
CA PRO B 344 -22.47 4.96 -5.55
C PRO B 344 -23.10 6.09 -6.36
N LYS B 345 -23.69 7.04 -5.66
CA LYS B 345 -24.54 7.98 -6.31
C LYS B 345 -23.72 8.91 -7.12
N THR B 346 -22.46 9.07 -6.77
CA THR B 346 -21.60 9.90 -7.64
C THR B 346 -21.20 9.09 -8.91
N MET B 347 -21.07 7.78 -8.78
CA MET B 347 -20.76 6.94 -9.91
C MET B 347 -22.03 6.98 -10.79
N LEU B 348 -23.18 6.74 -10.15
CA LEU B 348 -24.48 6.82 -10.78
C LEU B 348 -24.65 8.07 -11.61
N SER B 349 -24.18 9.20 -11.08
CA SER B 349 -24.41 10.42 -11.76
C SER B 349 -23.56 10.48 -13.05
N VAL B 350 -22.36 9.93 -13.01
CA VAL B 350 -21.51 9.97 -14.18
C VAL B 350 -22.04 9.10 -15.35
N LEU B 351 -22.64 7.96 -15.02
CA LEU B 351 -23.40 7.13 -15.95
C LEU B 351 -24.56 7.81 -16.67
N GLU B 352 -25.25 8.69 -15.97
CA GLU B 352 -26.44 9.25 -16.52
C GLU B 352 -25.87 10.26 -17.47
N TYR B 353 -24.69 10.82 -17.18
CA TYR B 353 -24.11 11.80 -18.09
C TYR B 353 -23.70 11.05 -19.35
N ILE B 354 -23.13 9.87 -19.16
CA ILE B 354 -22.85 9.01 -20.27
C ILE B 354 -24.10 8.75 -21.14
N ALA B 355 -25.23 8.36 -20.55
CA ALA B 355 -26.40 8.01 -21.38
C ALA B 355 -26.99 9.23 -22.09
N LYS B 356 -27.14 10.28 -21.34
CA LYS B 356 -27.71 11.45 -21.87
C LYS B 356 -26.91 11.86 -23.11
N ASN B 357 -25.59 11.74 -23.03
CA ASN B 357 -24.65 12.37 -23.97
C ASN B 357 -24.04 11.37 -24.96
N GLU B 358 -24.59 10.15 -24.94
CA GLU B 358 -24.20 9.11 -25.82
C GLU B 358 -24.07 9.58 -27.27
N ASP B 359 -25.09 10.28 -27.75
CA ASP B 359 -25.10 10.69 -29.12
C ASP B 359 -23.73 11.25 -29.51
N LYS B 360 -23.07 11.96 -28.59
CA LYS B 360 -21.73 12.54 -28.82
C LYS B 360 -20.49 11.76 -28.35
N LEU B 361 -20.61 10.79 -27.45
CA LEU B 361 -19.45 10.23 -26.74
C LEU B 361 -19.22 8.78 -27.10
N HIS B 362 -20.29 8.06 -27.37
CA HIS B 362 -20.11 6.73 -27.90
C HIS B 362 -19.41 5.90 -26.85
N LEU B 363 -19.72 6.20 -25.58
CA LEU B 363 -19.14 5.38 -24.55
C LEU B 363 -19.97 4.15 -24.24
N MET B 364 -21.23 4.13 -24.65
CA MET B 364 -22.10 3.00 -24.35
C MET B 364 -21.56 1.68 -24.88
N GLU B 365 -21.05 1.72 -26.11
CA GLU B 365 -20.44 0.52 -26.73
C GLU B 365 -19.24 -0.05 -25.95
N THR B 366 -18.60 0.75 -25.10
CA THR B 366 -17.39 0.22 -24.49
C THR B 366 -17.70 -0.72 -23.32
N PHE B 367 -18.89 -0.65 -22.78
CA PHE B 367 -19.15 -1.46 -21.62
C PHE B 367 -19.19 -2.92 -22.10
N PRO B 368 -18.58 -3.84 -21.32
CA PRO B 368 -18.65 -5.29 -21.53
C PRO B 368 -20.10 -5.60 -21.59
N ILE B 369 -20.45 -6.83 -22.00
CA ILE B 369 -21.82 -7.18 -22.18
C ILE B 369 -22.07 -8.55 -21.57
N ALA B 370 -23.18 -8.67 -20.86
CA ALA B 370 -23.41 -9.83 -20.02
C ALA B 370 -23.49 -11.06 -20.90
N GLY B 371 -22.63 -12.04 -20.62
CA GLY B 371 -22.58 -13.31 -21.34
C GLY B 371 -22.16 -13.12 -22.79
N VAL B 372 -21.68 -11.93 -23.17
CA VAL B 372 -21.23 -11.77 -24.51
C VAL B 372 -19.78 -11.39 -24.58
N ASP B 373 -19.33 -10.38 -23.86
CA ASP B 373 -17.91 -10.07 -24.03
C ASP B 373 -17.24 -9.35 -22.84
N GLY B 374 -16.05 -8.81 -23.08
CA GLY B 374 -15.25 -8.21 -22.02
C GLY B 374 -15.38 -8.93 -20.68
N THR B 375 -15.02 -8.25 -19.60
CA THR B 375 -14.88 -8.92 -18.30
C THR B 375 -16.12 -9.57 -17.74
N ILE B 376 -17.28 -9.37 -18.32
CA ILE B 376 -18.44 -10.16 -17.83
C ILE B 376 -19.10 -11.15 -18.84
N SER B 377 -18.38 -11.64 -19.88
CA SER B 377 -18.92 -12.76 -20.75
C SER B 377 -19.47 -13.98 -19.99
N GLY B 378 -18.78 -14.38 -18.92
CA GLY B 378 -19.21 -15.53 -18.10
C GLY B 378 -19.66 -15.24 -16.67
N ARG B 379 -19.73 -13.97 -16.27
CA ARG B 379 -20.18 -13.57 -14.93
C ARG B 379 -21.43 -14.30 -14.40
N GLY B 380 -21.20 -15.17 -13.42
CA GLY B 380 -22.23 -16.06 -12.90
C GLY B 380 -23.64 -15.56 -12.78
N GLY B 381 -23.86 -14.47 -12.04
CA GLY B 381 -25.22 -14.02 -11.79
C GLY B 381 -25.88 -13.25 -12.92
N LEU B 382 -25.14 -12.98 -13.99
CA LEU B 382 -25.67 -12.27 -15.14
C LEU B 382 -25.98 -13.13 -16.40
N ILE B 383 -25.71 -14.44 -16.44
CA ILE B 383 -25.79 -15.12 -17.76
C ILE B 383 -27.09 -15.87 -18.11
N SER B 384 -28.13 -15.65 -17.32
CA SER B 384 -29.47 -16.05 -17.72
C SER B 384 -30.33 -14.88 -18.19
N PRO B 385 -31.40 -15.20 -18.94
CA PRO B 385 -32.44 -14.23 -19.24
C PRO B 385 -33.13 -13.87 -17.93
N PRO B 386 -33.58 -12.61 -17.82
CA PRO B 386 -33.47 -11.57 -18.86
C PRO B 386 -32.22 -10.66 -18.82
N LEU B 387 -31.11 -11.14 -18.25
CA LEU B 387 -29.93 -10.27 -18.05
C LEU B 387 -28.82 -10.55 -19.02
N VAL B 388 -28.68 -11.84 -19.39
CA VAL B 388 -27.76 -12.21 -20.47
C VAL B 388 -28.09 -11.34 -21.70
N LYS B 389 -27.10 -10.73 -22.34
CA LYS B 389 -27.31 -9.95 -23.56
C LYS B 389 -27.97 -8.62 -23.36
N ASN B 390 -28.25 -8.28 -22.11
CA ASN B 390 -28.98 -7.08 -21.80
C ASN B 390 -28.16 -6.11 -20.92
N VAL B 391 -27.77 -6.60 -19.75
CA VAL B 391 -26.96 -5.88 -18.77
C VAL B 391 -25.56 -5.63 -19.25
N ILE B 392 -25.18 -4.36 -19.34
CA ILE B 392 -23.80 -4.02 -19.65
C ILE B 392 -23.20 -3.38 -18.39
N ALA B 393 -21.94 -3.63 -18.09
CA ALA B 393 -21.39 -3.12 -16.83
C ALA B 393 -19.87 -3.15 -16.82
N LYS B 394 -19.27 -2.04 -16.37
CA LYS B 394 -17.85 -2.02 -16.03
C LYS B 394 -17.77 -2.67 -14.70
N THR B 395 -16.90 -3.66 -14.54
CA THR B 395 -16.73 -4.37 -13.30
C THR B 395 -15.56 -3.81 -12.50
N GLY B 396 -15.47 -4.15 -11.25
CA GLY B 396 -14.29 -3.75 -10.48
C GLY B 396 -13.96 -4.82 -9.49
N SER B 397 -12.66 -5.13 -9.35
CA SER B 397 -12.29 -6.17 -8.35
C SER B 397 -11.06 -5.83 -7.54
N LEU B 398 -11.11 -6.10 -6.21
CA LEU B 398 -9.89 -6.23 -5.40
C LEU B 398 -10.10 -7.36 -4.44
N LYS B 399 -9.13 -7.67 -3.62
CA LYS B 399 -9.42 -8.66 -2.61
C LYS B 399 -10.48 -8.01 -1.68
N GLY B 400 -11.69 -8.55 -1.67
CA GLY B 400 -12.69 -8.20 -0.69
C GLY B 400 -13.73 -7.26 -1.27
N VAL B 401 -13.55 -6.93 -2.56
CA VAL B 401 -14.29 -5.92 -3.29
C VAL B 401 -14.82 -6.49 -4.61
N TYR B 402 -16.14 -6.52 -4.83
CA TYR B 402 -16.75 -6.92 -6.13
C TYR B 402 -17.86 -5.95 -6.52
N ASN B 403 -17.58 -5.13 -7.56
CA ASN B 403 -18.43 -4.05 -8.06
C ASN B 403 -18.99 -4.20 -9.51
N LEU B 404 -20.13 -3.58 -9.81
CA LEU B 404 -20.61 -3.49 -11.18
C LEU B 404 -21.15 -2.10 -11.37
N ALA B 405 -20.76 -1.42 -12.42
CA ALA B 405 -21.31 -0.08 -12.66
C ALA B 405 -21.83 -0.15 -14.07
N GLY B 406 -23.07 0.25 -14.34
CA GLY B 406 -23.52 0.18 -15.73
C GLY B 406 -24.99 0.33 -16.04
N PHE B 407 -25.50 -0.44 -16.99
CA PHE B 407 -26.83 -0.13 -17.51
C PHE B 407 -27.59 -1.37 -17.88
N MET B 408 -28.89 -1.27 -18.00
CA MET B 408 -29.68 -2.35 -18.56
C MET B 408 -31.08 -1.87 -19.03
N THR B 409 -31.83 -2.78 -19.62
CA THR B 409 -33.16 -2.49 -20.04
C THR B 409 -34.09 -3.39 -19.22
N ASN B 410 -35.14 -2.79 -18.71
CA ASN B 410 -36.08 -3.49 -17.87
C ASN B 410 -37.25 -4.05 -18.70
N ALA B 411 -38.29 -4.52 -18.02
CA ALA B 411 -39.47 -5.11 -18.68
C ALA B 411 -40.20 -4.16 -19.66
N ARG B 412 -40.17 -2.85 -19.40
CA ARG B 412 -40.78 -1.90 -20.37
C ARG B 412 -39.86 -1.35 -21.46
N GLY B 413 -38.73 -1.98 -21.77
CA GLY B 413 -37.75 -1.31 -22.69
C GLY B 413 -37.24 0.05 -22.20
N GLU B 414 -37.40 0.28 -20.89
CA GLU B 414 -36.84 1.41 -20.20
C GLU B 414 -35.36 1.24 -19.81
N LYS B 415 -34.64 2.34 -19.85
CA LYS B 415 -33.24 2.30 -19.43
C LYS B 415 -33.05 2.61 -17.94
N VAL B 416 -32.14 1.86 -17.33
CA VAL B 416 -31.89 1.87 -15.90
C VAL B 416 -30.40 1.93 -15.65
N ALA B 417 -29.86 2.99 -15.02
CA ALA B 417 -28.44 2.97 -14.62
C ALA B 417 -28.32 2.38 -13.21
N PHE B 418 -27.20 1.72 -12.91
CA PHE B 418 -26.99 1.20 -11.59
C PHE B 418 -25.51 1.30 -11.21
N VAL B 419 -25.26 0.93 -9.93
CA VAL B 419 -23.97 0.95 -9.32
C VAL B 419 -24.10 -0.02 -8.13
N GLN B 420 -23.36 -1.13 -8.21
CA GLN B 420 -23.28 -2.00 -7.07
C GLN B 420 -21.82 -2.05 -6.53
N PHE B 421 -21.55 -1.44 -5.38
CA PHE B 421 -20.23 -1.59 -4.71
C PHE B 421 -20.41 -2.62 -3.57
N ILE B 422 -19.55 -3.64 -3.57
CA ILE B 422 -19.51 -4.48 -2.41
C ILE B 422 -18.07 -4.42 -1.89
N ASN B 423 -17.93 -4.12 -0.60
CA ASN B 423 -16.64 -4.09 0.13
C ASN B 423 -16.65 -4.97 1.37
N GLY B 424 -15.45 -5.24 1.86
CA GLY B 424 -15.28 -6.10 3.03
C GLY B 424 -15.89 -7.49 2.90
N TYR B 425 -15.91 -7.95 1.64
CA TYR B 425 -16.40 -9.30 1.33
C TYR B 425 -15.36 -10.38 1.75
N SER B 426 -15.68 -11.29 2.64
CA SER B 426 -14.61 -12.17 3.09
C SER B 426 -15.12 -13.48 3.63
N THR B 427 -14.65 -14.60 3.10
CA THR B 427 -15.15 -15.92 3.53
C THR B 427 -14.01 -16.84 3.86
N GLY B 428 -12.76 -16.42 3.57
CA GLY B 428 -11.55 -17.27 3.75
C GLY B 428 -10.12 -16.68 3.92
N ASP B 429 -9.13 -17.57 4.10
CA ASP B 429 -7.77 -17.17 4.48
C ASP B 429 -6.92 -16.36 3.48
N LEU B 430 -5.65 -16.13 3.87
CA LEU B 430 -4.57 -15.63 2.98
C LEU B 430 -4.28 -16.66 1.87
N GLU B 431 -4.57 -17.94 2.16
CA GLU B 431 -4.36 -19.11 1.27
C GLU B 431 -5.25 -19.15 -0.01
N SER B 432 -6.25 -18.25 -0.10
CA SER B 432 -7.21 -18.20 -1.21
C SER B 432 -8.50 -17.41 -0.88
N LYS B 433 -8.99 -16.64 -1.85
CA LYS B 433 -10.35 -16.05 -1.84
C LYS B 433 -11.38 -17.19 -1.93
N THR B 434 -12.23 -17.37 -0.90
CA THR B 434 -13.24 -18.47 -0.90
C THR B 434 -14.47 -18.14 -1.78
N LYS B 435 -15.45 -19.06 -1.80
CA LYS B 435 -16.56 -19.07 -2.77
C LYS B 435 -17.24 -17.69 -3.13
N ARG B 436 -17.69 -17.61 -4.39
CA ARG B 436 -18.38 -16.44 -4.94
C ARG B 436 -19.88 -16.73 -4.99
N ALA B 437 -20.28 -17.88 -4.48
CA ALA B 437 -21.69 -18.27 -4.54
C ALA B 437 -22.61 -17.25 -3.90
N PRO B 438 -22.19 -16.62 -2.80
CA PRO B 438 -23.13 -15.56 -2.41
C PRO B 438 -23.15 -14.35 -3.38
N LEU B 439 -22.03 -14.02 -3.99
CA LEU B 439 -22.03 -12.90 -4.89
C LEU B 439 -23.03 -13.10 -6.04
N VAL B 440 -22.91 -14.27 -6.65
CA VAL B 440 -23.70 -14.72 -7.78
C VAL B 440 -25.16 -14.80 -7.45
N GLN B 441 -25.51 -15.21 -6.24
CA GLN B 441 -26.92 -15.24 -5.91
C GLN B 441 -27.46 -13.82 -5.70
N PHE B 442 -26.63 -12.99 -5.10
CA PHE B 442 -26.93 -11.62 -4.89
C PHE B 442 -27.20 -10.79 -6.17
N GLU B 443 -26.26 -10.86 -7.09
CA GLU B 443 -26.35 -10.10 -8.31
C GLU B 443 -27.53 -10.62 -9.15
N ARG B 444 -27.77 -11.93 -9.06
CA ARG B 444 -28.80 -12.51 -9.88
C ARG B 444 -30.07 -11.90 -9.41
N ASN B 445 -30.39 -12.10 -8.14
CA ASN B 445 -31.62 -11.55 -7.59
C ASN B 445 -31.65 -10.06 -7.70
N LEU B 446 -30.49 -9.42 -7.52
CA LEU B 446 -30.46 -7.95 -7.59
C LEU B 446 -30.95 -7.51 -8.98
N TYR B 447 -30.30 -8.01 -10.03
CA TYR B 447 -30.63 -7.51 -11.39
C TYR B 447 -32.03 -7.97 -11.87
N ASN B 448 -32.39 -9.19 -11.54
CA ASN B 448 -33.77 -9.61 -11.73
C ASN B 448 -34.80 -8.64 -11.16
N GLU B 449 -34.63 -8.20 -9.92
CA GLU B 449 -35.50 -7.17 -9.36
C GLU B 449 -35.51 -5.80 -10.09
N LEU B 450 -34.35 -5.35 -10.53
CA LEU B 450 -34.27 -4.08 -11.26
C LEU B 450 -35.05 -4.18 -12.58
N TYR B 451 -34.90 -5.33 -13.25
CA TYR B 451 -35.61 -5.67 -14.47
C TYR B 451 -37.13 -5.56 -14.31
N LYS B 452 -37.61 -6.04 -13.18
CA LYS B 452 -39.01 -6.44 -12.95
C LYS B 452 -39.78 -5.31 -12.31
N TYR B 453 -39.06 -4.47 -11.57
CA TYR B 453 -39.63 -3.30 -10.94
C TYR B 453 -40.36 -2.49 -11.98
C1 CMV C . -1.02 8.28 17.43
C2 CMV C . -3.45 7.08 17.13
C6 CMV C . -1.29 7.84 15.98
C12 CMV C . -2.44 6.82 16.02
C13 CMV C . -0.62 5.34 15.37
C14 CMV C . -0.98 4.43 14.13
C15 CMV C . -2.18 3.61 14.47
C16 CMV C . -1.59 9.15 15.25
O1 CMV C . -3.39 6.49 18.29
O2 CMV C . -4.38 7.86 16.83
N3 CMV C . -1.83 5.50 16.12
S1 CMV C . -0.08 6.95 15.17
O4 CMV C . -3.33 3.89 14.15
N1 CMV C . -1.28 5.24 12.94
CAL CMV C . -0.38 5.64 12.07
OAV CMV C . 0.79 5.36 12.14
CAM CMV C . -0.93 6.54 11.03
CAW CMV C . -0.74 7.95 11.32
CBD CMV C . 0.53 8.45 11.54
CBG CMV C . 0.63 9.81 11.77
CBH CMV C . -0.50 10.60 11.77
CBF CMV C . -1.77 10.08 11.55
CBC CMV C . -1.90 8.72 11.32
NAN CMV C . -0.58 6.46 9.66
NAG CMV C . 0.43 6.21 9.01
CAE CMV C . 0.03 6.22 7.77
OAS CMV C . -1.14 6.58 7.65
CAQ CMV C . 1.78 5.89 9.45
CAU CMV C . 2.16 4.64 8.65
NAO CMV C . 1.89 4.94 7.24
CAI CMV C . 0.86 5.73 6.83
OAT CMV C . 0.69 6.03 5.66
CBB CMV C . 2.86 4.25 6.38
CBE CMV C . 2.57 4.49 4.91
C1 CMV D . -10.34 -7.62 -14.54
C2 CMV D . -12.29 -6.41 -12.80
C6 CMV D . -9.90 -7.38 -13.10
C12 CMV D . -10.85 -6.33 -12.45
C13 CMV D . -8.92 -4.92 -12.92
C14 CMV D . -8.70 -4.15 -11.59
C15 CMV D . -9.93 -3.28 -11.31
C16 CMV D . -9.90 -8.73 -12.42
O1 CMV D . -13.05 -7.07 -12.06
O2 CMV D . -12.67 -5.72 -13.81
N3 CMV D . -10.38 -5.05 -12.93
S1 CMV D . -8.41 -6.56 -13.04
O4 CMV D . -10.79 -3.54 -10.44
N1 CMV D . -8.51 -5.12 -10.46
CAL CMV D . -7.26 -5.47 -10.15
OAV CMV D . -6.32 -4.98 -10.76
CAM CMV D . -6.87 -6.41 -9.04
CAW CMV D . -7.05 -7.86 -9.33
CBD CMV D . -8.06 -8.60 -8.69
CBG CMV D . -8.26 -9.96 -8.94
CBH CMV D . -7.44 -10.59 -9.89
CBF CMV D . -6.42 -9.86 -10.55
CBC CMV D . -6.22 -8.50 -10.28
NAN CMV D . -5.47 -6.10 -8.99
NAG CMV D . -4.73 -6.02 -8.00
CAE CMV D . -3.45 -5.71 -8.31
OAS CMV D . -3.03 -5.27 -9.39
CAQ CMV D . -5.35 -6.28 -6.70
CAU CMV D . -4.23 -6.51 -5.68
NAO CMV D . -3.00 -5.80 -6.09
CAI CMV D . -2.55 -5.85 -7.37
OAT CMV D . -1.38 -6.01 -7.77
CBB CMV D . -2.31 -5.08 -5.01
CBE CMV D . -0.86 -4.73 -5.34
#